data_3L36
# 
_entry.id   3L36 
# 
_audit_conform.dict_name       mmcif_pdbx.dic 
_audit_conform.dict_version    5.399 
_audit_conform.dict_location   http://mmcif.pdb.org/dictionaries/ascii/mmcif_pdbx.dic 
# 
loop_
_database_2.database_id 
_database_2.database_code 
_database_2.pdbx_database_accession 
_database_2.pdbx_DOI 
PDB   3L36         pdb_00003l36 10.2210/pdb3l36/pdb 
RCSB  RCSB056774   ?            ?                   
WWPDB D_1000056774 ?            ?                   
# 
loop_
_pdbx_audit_revision_history.ordinal 
_pdbx_audit_revision_history.data_content_type 
_pdbx_audit_revision_history.major_revision 
_pdbx_audit_revision_history.minor_revision 
_pdbx_audit_revision_history.revision_date 
1 'Structure model' 1 0 2010-11-03 
2 'Structure model' 1 1 2011-07-13 
3 'Structure model' 1 2 2024-11-27 
# 
_pdbx_audit_revision_details.ordinal             1 
_pdbx_audit_revision_details.revision_ordinal    1 
_pdbx_audit_revision_details.data_content_type   'Structure model' 
_pdbx_audit_revision_details.provider            repository 
_pdbx_audit_revision_details.type                'Initial release' 
_pdbx_audit_revision_details.description         ? 
_pdbx_audit_revision_details.details             ? 
# 
loop_
_pdbx_audit_revision_group.ordinal 
_pdbx_audit_revision_group.revision_ordinal 
_pdbx_audit_revision_group.data_content_type 
_pdbx_audit_revision_group.group 
1 2 'Structure model' 'Version format compliance' 
2 3 'Structure model' 'Data collection'           
3 3 'Structure model' 'Database references'       
4 3 'Structure model' 'Derived calculations'      
5 3 'Structure model' 'Structure summary'         
# 
loop_
_pdbx_audit_revision_category.ordinal 
_pdbx_audit_revision_category.revision_ordinal 
_pdbx_audit_revision_category.data_content_type 
_pdbx_audit_revision_category.category 
1 3 'Structure model' chem_comp_atom            
2 3 'Structure model' chem_comp_bond            
3 3 'Structure model' database_2                
4 3 'Structure model' pdbx_entry_details        
5 3 'Structure model' pdbx_modification_feature 
6 3 'Structure model' struct_conn               
7 3 'Structure model' struct_site               
# 
loop_
_pdbx_audit_revision_item.ordinal 
_pdbx_audit_revision_item.revision_ordinal 
_pdbx_audit_revision_item.data_content_type 
_pdbx_audit_revision_item.item 
1 3 'Structure model' '_database_2.pdbx_DOI'                
2 3 'Structure model' '_database_2.pdbx_database_accession' 
3 3 'Structure model' '_struct_conn.pdbx_leaving_atom_flag' 
4 3 'Structure model' '_struct_site.pdbx_auth_asym_id'      
5 3 'Structure model' '_struct_site.pdbx_auth_comp_id'      
6 3 'Structure model' '_struct_site.pdbx_auth_seq_id'       
# 
_pdbx_database_status.status_code                     REL 
_pdbx_database_status.entry_id                        3L36 
_pdbx_database_status.recvd_initial_deposition_date   2009-12-16 
_pdbx_database_status.deposit_site                    RCSB 
_pdbx_database_status.process_site                    RCSB 
_pdbx_database_status.status_code_sf                  REL 
_pdbx_database_status.status_code_mr                  ? 
_pdbx_database_status.SG_entry                        ? 
_pdbx_database_status.pdb_format_compatible           Y 
_pdbx_database_status.status_code_cs                  ? 
_pdbx_database_status.status_code_nmr_data            ? 
_pdbx_database_status.methods_development_category    ? 
# 
loop_
_pdbx_database_related.db_name 
_pdbx_database_related.db_id 
_pdbx_database_related.details 
_pdbx_database_related.content_type 
PDB 2R5D 'PIE7 is a related D-peptide inhibitor' unspecified 
PDB 3L34 'PIE12-IQN17 in another crystal form'   unspecified 
PDB 3L36 'PIE12-IQN17 in another crystal form'   unspecified 
# 
loop_
_audit_author.name 
_audit_author.pdbx_ordinal 
'Welch, B.D.'     1  
'Redman, J.S.'    2  
'Paul, S.'        3  
'Whitby, F.G.'    4  
'Weinstock, M.T.' 5  
'Reeves, J.D.'    6  
'Lie, Y.S.'       7  
'Eckert, D.M.'    8  
'Hill, C.P.'      9  
'Root, M.J.'      10 
'Kay, M.S.'       11 
# 
_citation.id                        primary 
_citation.title                     'Design of a potent D-peptide HIV-1 entry inhibitor with a strong barrier to resistance.' 
_citation.journal_abbrev            J.Virol. 
_citation.journal_volume            84 
_citation.page_first                11235 
_citation.page_last                 11244 
_citation.year                      2010 
_citation.journal_id_ASTM           JOVIAM 
_citation.country                   US 
_citation.journal_id_ISSN           0022-538X 
_citation.journal_id_CSD            0825 
_citation.book_publisher            ? 
_citation.pdbx_database_id_PubMed   20719956 
_citation.pdbx_database_id_DOI      10.1128/JVI.01339-10 
# 
loop_
_citation_author.citation_id 
_citation_author.name 
_citation_author.ordinal 
_citation_author.identifier_ORCID 
primary 'Welch, B.D.'     1  ? 
primary 'Francis, J.N.'   2  ? 
primary 'Redman, J.S.'    3  ? 
primary 'Paul, S.'        4  ? 
primary 'Weinstock, M.T.' 5  ? 
primary 'Reeves, J.D.'    6  ? 
primary 'Lie, Y.S.'       7  ? 
primary 'Whitby, F.G.'    8  ? 
primary 'Eckert, D.M.'    9  ? 
primary 'Hill, C.P.'      10 ? 
primary 'Root, M.J.'      11 ? 
primary 'Kay, M.S.'       12 ? 
# 
loop_
_entity.id 
_entity.type 
_entity.src_method 
_entity.pdbx_description 
_entity.formula_weight 
_entity.pdbx_number_of_molecules 
_entity.pdbx_ec 
_entity.pdbx_mutation 
_entity.pdbx_fragment 
_entity.details 
1 polymer     syn 'GP41 N-PEPTIDE'                     5466.574 1  ? ? ? ? 
2 polymer     syn 'HIV ENTRY INHIBITOR PIE12'          1972.249 1  ? ? ? ? 
3 non-polymer syn '3-CYCLOHEXYL-1-PROPYLSULFONIC ACID' 221.317  1  ? ? ? ? 
4 water       nat water                                18.015   49 ? ? ? ? 
# 
loop_
_entity_poly.entity_id 
_entity_poly.type 
_entity_poly.nstd_linkage 
_entity_poly.nstd_monomer 
_entity_poly.pdbx_seq_one_letter_code 
_entity_poly.pdbx_seq_one_letter_code_can 
_entity_poly.pdbx_strand_id 
_entity_poly.pdbx_target_identifier 
1 'polypeptide(L)' no yes '(ACE)RMKQIEDKIEEIESKQKKIENEIARIKKLLQLTVWGIKQLQARIL(NH2)'                                
XRMKQIEDKIEEIESKQKKIENEIARIKKLLQLTVWGIKQLQARILX A ? 
2 'polypeptide(L)' no yes 
;(ACE)(DLY)(DHI)(DPR)(DCY)(DAS)(DTY)(DPR)(DGL)(DTR)(DGN)(DTR)(DLE)(DCY)(DGL)(DLE)
(NH2)
;
XKHPCDYPEWQWLCELX                               H ? 
# 
loop_
_pdbx_entity_nonpoly.entity_id 
_pdbx_entity_nonpoly.name 
_pdbx_entity_nonpoly.comp_id 
3 '3-CYCLOHEXYL-1-PROPYLSULFONIC ACID' CXS 
4 water                                HOH 
# 
loop_
_entity_poly_seq.entity_id 
_entity_poly_seq.num 
_entity_poly_seq.mon_id 
_entity_poly_seq.hetero 
1 1  ACE n 
1 2  ARG n 
1 3  MET n 
1 4  LYS n 
1 5  GLN n 
1 6  ILE n 
1 7  GLU n 
1 8  ASP n 
1 9  LYS n 
1 10 ILE n 
1 11 GLU n 
1 12 GLU n 
1 13 ILE n 
1 14 GLU n 
1 15 SER n 
1 16 LYS n 
1 17 GLN n 
1 18 LYS n 
1 19 LYS n 
1 20 ILE n 
1 21 GLU n 
1 22 ASN n 
1 23 GLU n 
1 24 ILE n 
1 25 ALA n 
1 26 ARG n 
1 27 ILE n 
1 28 LYS n 
1 29 LYS n 
1 30 LEU n 
1 31 LEU n 
1 32 GLN n 
1 33 LEU n 
1 34 THR n 
1 35 VAL n 
1 36 TRP n 
1 37 GLY n 
1 38 ILE n 
1 39 LYS n 
1 40 GLN n 
1 41 LEU n 
1 42 GLN n 
1 43 ALA n 
1 44 ARG n 
1 45 ILE n 
1 46 LEU n 
1 47 NH2 n 
2 1  ACE n 
2 2  DLY n 
2 3  DHI n 
2 4  DPR n 
2 5  DCY n 
2 6  DAS n 
2 7  DTY n 
2 8  DPR n 
2 9  DGL n 
2 10 DTR n 
2 11 DGN n 
2 12 DTR n 
2 13 DLE n 
2 14 DCY n 
2 15 DGL n 
2 16 DLE n 
2 17 NH2 n 
# 
loop_
_pdbx_entity_src_syn.entity_id 
_pdbx_entity_src_syn.pdbx_src_id 
_pdbx_entity_src_syn.pdbx_alt_source_flag 
_pdbx_entity_src_syn.pdbx_beg_seq_num 
_pdbx_entity_src_syn.pdbx_end_seq_num 
_pdbx_entity_src_syn.organism_scientific 
_pdbx_entity_src_syn.organism_common_name 
_pdbx_entity_src_syn.ncbi_taxonomy_id 
_pdbx_entity_src_syn.details 
1 1 sample ? ? ? ? ? 'L-PEPTIDE WITH N-TERMINAL ACETYL GROUP AND C-TERMINAL AMIDE GROUP' 
2 1 sample ? ? ? ? ? 'D-PEPTIDE WITH N-TERMINAL ACETYL GROUP AND C-TERMINAL AMIDE GROUP' 
# 
loop_
_chem_comp.id 
_chem_comp.type 
_chem_comp.mon_nstd_flag 
_chem_comp.name 
_chem_comp.pdbx_synonyms 
_chem_comp.formula 
_chem_comp.formula_weight 
ACE non-polymer         . 'ACETYL GROUP'                       ? 'C2 H4 O'        44.053  
ALA 'L-peptide linking' y ALANINE                              ? 'C3 H7 N O2'     89.093  
ARG 'L-peptide linking' y ARGININE                             ? 'C6 H15 N4 O2 1' 175.209 
ASN 'L-peptide linking' y ASPARAGINE                           ? 'C4 H8 N2 O3'    132.118 
ASP 'L-peptide linking' y 'ASPARTIC ACID'                      ? 'C4 H7 N O4'     133.103 
CXS non-polymer         . '3-CYCLOHEXYL-1-PROPYLSULFONIC ACID' ? 'C9 H19 N O3 S'  221.317 
DAS 'D-peptide linking' . 'D-ASPARTIC ACID'                    ? 'C4 H7 N O4'     133.103 
DCY 'D-peptide linking' . D-CYSTEINE                           ? 'C3 H7 N O2 S'   121.158 
DGL 'D-peptide linking' . 'D-GLUTAMIC ACID'                    ? 'C5 H9 N O4'     147.129 
DGN 'D-peptide linking' . D-GLUTAMINE                          ? 'C5 H10 N2 O3'   146.144 
DHI 'D-peptide linking' . D-HISTIDINE                          ? 'C6 H10 N3 O2 1' 156.162 
DLE 'D-peptide linking' . D-LEUCINE                            ? 'C6 H13 N O2'    131.173 
DLY 'D-peptide linking' . D-LYSINE                             ? 'C6 H14 N2 O2'   146.188 
DPR 'D-peptide linking' . D-PROLINE                            ? 'C5 H9 N O2'     115.130 
DTR 'D-peptide linking' . D-TRYPTOPHAN                         ? 'C11 H12 N2 O2'  204.225 
DTY 'D-peptide linking' . D-TYROSINE                           ? 'C9 H11 N O3'    181.189 
GLN 'L-peptide linking' y GLUTAMINE                            ? 'C5 H10 N2 O3'   146.144 
GLU 'L-peptide linking' y 'GLUTAMIC ACID'                      ? 'C5 H9 N O4'     147.129 
GLY 'peptide linking'   y GLYCINE                              ? 'C2 H5 N O2'     75.067  
HOH non-polymer         . WATER                                ? 'H2 O'           18.015  
ILE 'L-peptide linking' y ISOLEUCINE                           ? 'C6 H13 N O2'    131.173 
LEU 'L-peptide linking' y LEUCINE                              ? 'C6 H13 N O2'    131.173 
LYS 'L-peptide linking' y LYSINE                               ? 'C6 H15 N2 O2 1' 147.195 
MET 'L-peptide linking' y METHIONINE                           ? 'C5 H11 N O2 S'  149.211 
NH2 non-polymer         . 'AMINO GROUP'                        ? 'H2 N'           16.023  
SER 'L-peptide linking' y SERINE                               ? 'C3 H7 N O3'     105.093 
THR 'L-peptide linking' y THREONINE                            ? 'C4 H9 N O3'     119.119 
TRP 'L-peptide linking' y TRYPTOPHAN                           ? 'C11 H12 N2 O2'  204.225 
VAL 'L-peptide linking' y VALINE                               ? 'C5 H11 N O2'    117.146 
# 
loop_
_pdbx_poly_seq_scheme.asym_id 
_pdbx_poly_seq_scheme.entity_id 
_pdbx_poly_seq_scheme.seq_id 
_pdbx_poly_seq_scheme.mon_id 
_pdbx_poly_seq_scheme.ndb_seq_num 
_pdbx_poly_seq_scheme.pdb_seq_num 
_pdbx_poly_seq_scheme.auth_seq_num 
_pdbx_poly_seq_scheme.pdb_mon_id 
_pdbx_poly_seq_scheme.auth_mon_id 
_pdbx_poly_seq_scheme.pdb_strand_id 
_pdbx_poly_seq_scheme.pdb_ins_code 
_pdbx_poly_seq_scheme.hetero 
A 1 1  ACE 1  0  0  ACE ACE A . n 
A 1 2  ARG 2  1  1  ARG ARG A . n 
A 1 3  MET 3  2  2  MET MET A . n 
A 1 4  LYS 4  3  3  LYS LYS A . n 
A 1 5  GLN 5  4  4  GLN GLN A . n 
A 1 6  ILE 6  5  5  ILE ILE A . n 
A 1 7  GLU 7  6  6  GLU GLU A . n 
A 1 8  ASP 8  7  7  ASP ASP A . n 
A 1 9  LYS 9  8  8  LYS LYS A . n 
A 1 10 ILE 10 9  9  ILE ILE A . n 
A 1 11 GLU 11 10 10 GLU GLU A . n 
A 1 12 GLU 12 11 11 GLU GLU A . n 
A 1 13 ILE 13 12 12 ILE ILE A . n 
A 1 14 GLU 14 13 13 GLU GLU A . n 
A 1 15 SER 15 14 14 SER SER A . n 
A 1 16 LYS 16 15 15 LYS LYS A . n 
A 1 17 GLN 17 16 16 GLN GLN A . n 
A 1 18 LYS 18 17 17 LYS LYS A . n 
A 1 19 LYS 19 18 18 LYS LYS A . n 
A 1 20 ILE 20 19 19 ILE ILE A . n 
A 1 21 GLU 21 20 20 GLU GLU A . n 
A 1 22 ASN 22 21 21 ASN ASN A . n 
A 1 23 GLU 23 22 22 GLU GLU A . n 
A 1 24 ILE 24 23 23 ILE ILE A . n 
A 1 25 ALA 25 24 24 ALA ALA A . n 
A 1 26 ARG 26 25 25 ARG ARG A . n 
A 1 27 ILE 27 26 26 ILE ILE A . n 
A 1 28 LYS 28 27 27 LYS LYS A . n 
A 1 29 LYS 29 28 28 LYS LYS A . n 
A 1 30 LEU 30 29 29 LEU LEU A . n 
A 1 31 LEU 31 30 30 LEU LEU A . n 
A 1 32 GLN 32 31 31 GLN GLN A . n 
A 1 33 LEU 33 32 32 LEU LEU A . n 
A 1 34 THR 34 33 33 THR THR A . n 
A 1 35 VAL 35 34 34 VAL VAL A . n 
A 1 36 TRP 36 35 35 TRP TRP A . n 
A 1 37 GLY 37 36 36 GLY GLY A . n 
A 1 38 ILE 38 37 37 ILE ILE A . n 
A 1 39 LYS 39 38 38 LYS LYS A . n 
A 1 40 GLN 40 39 39 GLN GLN A . n 
A 1 41 LEU 41 40 40 LEU LEU A . n 
A 1 42 GLN 42 41 41 GLN GLN A . n 
A 1 43 ALA 43 42 42 ALA ALA A . n 
A 1 44 ARG 44 43 43 ARG ARG A . n 
A 1 45 ILE 45 44 44 ILE ILE A . n 
A 1 46 LEU 46 45 45 LEU LEU A . n 
A 1 47 NH2 47 46 46 NH2 NH2 A . n 
B 2 1  ACE 1  1  1  ACE ACE H . n 
B 2 2  DLY 2  2  2  DLY DLY H . n 
B 2 3  DHI 3  3  3  DHI DHI H . n 
B 2 4  DPR 4  4  4  DPR DPR H . n 
B 2 5  DCY 5  5  5  DCY DCY H . n 
B 2 6  DAS 6  6  6  DAS DAS H . n 
B 2 7  DTY 7  7  7  DTY DTY H . n 
B 2 8  DPR 8  8  8  DPR DPR H . n 
B 2 9  DGL 9  9  9  DGL DGL H . n 
B 2 10 DTR 10 10 10 DTR DTR H . n 
B 2 11 DGN 11 11 11 DGN DGN H . n 
B 2 12 DTR 12 12 12 DTR DTR H . n 
B 2 13 DLE 13 13 13 DLE DLE H . n 
B 2 14 DCY 14 14 14 DCY DCY H . n 
B 2 15 DGL 15 15 15 DGL DGL H . n 
B 2 16 DLE 16 16 16 DLE DLE H . n 
B 2 17 NH2 17 17 17 NH2 NH2 H . n 
# 
loop_
_pdbx_nonpoly_scheme.asym_id 
_pdbx_nonpoly_scheme.entity_id 
_pdbx_nonpoly_scheme.mon_id 
_pdbx_nonpoly_scheme.ndb_seq_num 
_pdbx_nonpoly_scheme.pdb_seq_num 
_pdbx_nonpoly_scheme.auth_seq_num 
_pdbx_nonpoly_scheme.pdb_mon_id 
_pdbx_nonpoly_scheme.auth_mon_id 
_pdbx_nonpoly_scheme.pdb_strand_id 
_pdbx_nonpoly_scheme.pdb_ins_code 
C 3 CXS 1  18 18 CXS CXS H . 
D 4 HOH 1  47 47 HOH HOH A . 
D 4 HOH 2  48 48 HOH HOH A . 
D 4 HOH 3  49 49 HOH HOH A . 
D 4 HOH 4  50 50 HOH HOH A . 
D 4 HOH 5  51 51 HOH HOH A . 
D 4 HOH 6  52 52 HOH HOH A . 
D 4 HOH 7  53 53 HOH HOH A . 
D 4 HOH 8  54 54 HOH HOH A . 
D 4 HOH 9  55 55 HOH HOH A . 
D 4 HOH 10 56 56 HOH HOH A . 
D 4 HOH 11 57 57 HOH HOH A . 
D 4 HOH 12 58 58 HOH HOH A . 
D 4 HOH 13 59 59 HOH HOH A . 
D 4 HOH 14 60 60 HOH HOH A . 
D 4 HOH 15 61 61 HOH HOH A . 
D 4 HOH 16 62 62 HOH HOH A . 
D 4 HOH 17 63 63 HOH HOH A . 
D 4 HOH 18 64 64 HOH HOH A . 
D 4 HOH 19 65 65 HOH HOH A . 
D 4 HOH 20 66 66 HOH HOH A . 
D 4 HOH 21 67 67 HOH HOH A . 
D 4 HOH 22 68 68 HOH HOH A . 
D 4 HOH 23 69 69 HOH HOH A . 
D 4 HOH 24 70 70 HOH HOH A . 
D 4 HOH 25 71 71 HOH HOH A . 
D 4 HOH 26 72 72 HOH HOH A . 
D 4 HOH 27 73 73 HOH HOH A . 
D 4 HOH 28 74 74 HOH HOH A . 
D 4 HOH 29 75 75 HOH HOH A . 
D 4 HOH 30 76 76 HOH HOH A . 
D 4 HOH 31 77 77 HOH HOH A . 
E 4 HOH 1  19 19 HOH HOH H . 
E 4 HOH 2  20 20 HOH HOH H . 
E 4 HOH 3  21 21 HOH HOH H . 
E 4 HOH 4  22 22 HOH HOH H . 
E 4 HOH 5  23 23 HOH HOH H . 
E 4 HOH 6  24 24 HOH HOH H . 
E 4 HOH 7  25 25 HOH HOH H . 
E 4 HOH 8  26 26 HOH HOH H . 
E 4 HOH 9  28 28 HOH HOH H . 
E 4 HOH 10 29 29 HOH HOH H . 
E 4 HOH 11 30 30 HOH HOH H . 
E 4 HOH 12 31 31 HOH HOH H . 
E 4 HOH 13 32 32 HOH HOH H . 
E 4 HOH 14 34 34 HOH HOH H . 
E 4 HOH 15 35 35 HOH HOH H . 
E 4 HOH 16 42 42 HOH HOH H . 
E 4 HOH 17 44 44 HOH HOH H . 
E 4 HOH 18 47 47 HOH HOH H . 
# 
loop_
_software.name 
_software.classification 
_software.version 
_software.citation_id 
_software.pdbx_ordinal 
PHASER   phasing          .        ? 1 
REFMAC   refinement       5.5.0062 ? 2 
HKL-2000 'data reduction' .        ? 3 
HKL-2000 'data scaling'   .        ? 4 
# 
_cell.entry_id           3L36 
_cell.length_a           41.117 
_cell.length_b           41.117 
_cell.length_c           81.731 
_cell.angle_alpha        90.00 
_cell.angle_beta         90.00 
_cell.angle_gamma        120.00 
_cell.Z_PDB              6 
_cell.pdbx_unique_axis   ? 
_cell.length_a_esd       ? 
_cell.length_b_esd       ? 
_cell.length_c_esd       ? 
_cell.angle_alpha_esd    ? 
_cell.angle_beta_esd     ? 
_cell.angle_gamma_esd    ? 
# 
_symmetry.entry_id                         3L36 
_symmetry.space_group_name_H-M             'P 3 2 1' 
_symmetry.pdbx_full_space_group_name_H-M   ? 
_symmetry.cell_setting                     ? 
_symmetry.Int_Tables_number                150 
_symmetry.space_group_name_Hall            ? 
# 
_exptl.entry_id          3L36 
_exptl.method            'X-RAY DIFFRACTION' 
_exptl.crystals_number   1 
# 
_exptl_crystal.id                    1 
_exptl_crystal.density_meas          ? 
_exptl_crystal.density_Matthews      2.68 
_exptl_crystal.density_percent_sol   54.12 
_exptl_crystal.description           ? 
_exptl_crystal.F_000                 ? 
_exptl_crystal.preparation           ? 
# 
_exptl_crystal_grow.crystal_id      1 
_exptl_crystal_grow.method          ? 
_exptl_crystal_grow.temp            ? 
_exptl_crystal_grow.temp_details    ? 
_exptl_crystal_grow.pH              10.5 
_exptl_crystal_grow.pdbx_details    '0.1 M CAPS PH 10.5, 40% MPD, VAPOR DIFFUSION, SITTING DROP, TEMPERATURE 277K' 
_exptl_crystal_grow.pdbx_pH_range   ? 
# 
_diffrn.id                     1 
_diffrn.ambient_temp           100 
_diffrn.ambient_temp_details   ? 
_diffrn.crystal_id             1 
# 
_diffrn_detector.diffrn_id              1 
_diffrn_detector.detector               CCD 
_diffrn_detector.type                   'MARMOSAIC 325 mm CCD' 
_diffrn_detector.pdbx_collection_date   2008-06-11 
_diffrn_detector.details                ? 
# 
_diffrn_radiation.diffrn_id                        1 
_diffrn_radiation.wavelength_id                    1 
_diffrn_radiation.pdbx_monochromatic_or_laue_m_l   M 
_diffrn_radiation.monochromator                    ? 
_diffrn_radiation.pdbx_diffrn_protocol             'SINGLE WAVELENGTH' 
_diffrn_radiation.pdbx_scattering_type             x-ray 
# 
_diffrn_radiation_wavelength.id           1 
_diffrn_radiation_wavelength.wavelength   0.97945 
_diffrn_radiation_wavelength.wt           1.0 
# 
_diffrn_source.diffrn_id                   1 
_diffrn_source.source                      SYNCHROTRON 
_diffrn_source.type                        'SSRL BEAMLINE BL11-1' 
_diffrn_source.pdbx_synchrotron_site       SSRL 
_diffrn_source.pdbx_synchrotron_beamline   BL11-1 
_diffrn_source.pdbx_wavelength             0.97945 
_diffrn_source.pdbx_wavelength_list        ? 
# 
_reflns.entry_id                     3L36 
_reflns.observed_criterion_sigma_I   0.000 
_reflns.observed_criterion_sigma_F   ? 
_reflns.d_resolution_low             30.000 
_reflns.d_resolution_high            1.450 
_reflns.number_obs                   14802 
_reflns.number_all                   ? 
_reflns.percent_possible_obs         99.7 
_reflns.pdbx_Rmerge_I_obs            0.10700 
_reflns.pdbx_Rsym_value              ? 
_reflns.pdbx_netI_over_sigmaI        22.6440 
_reflns.B_iso_Wilson_estimate        ? 
_reflns.pdbx_redundancy              12.600 
_reflns.R_free_details               ? 
_reflns.limit_h_max                  ? 
_reflns.limit_h_min                  ? 
_reflns.limit_k_max                  ? 
_reflns.limit_k_min                  ? 
_reflns.limit_l_max                  ? 
_reflns.limit_l_min                  ? 
_reflns.observed_criterion_F_max     ? 
_reflns.observed_criterion_F_min     ? 
_reflns.pdbx_chi_squared             ? 
_reflns.pdbx_scaling_rejects         ? 
_reflns.pdbx_diffrn_id               1 
_reflns.pdbx_ordinal                 1 
# 
_reflns_shell.d_res_high             1.45 
_reflns_shell.d_res_low              1.50 
_reflns_shell.percent_possible_all   96.6 
_reflns_shell.Rmerge_I_obs           0.23500 
_reflns_shell.pdbx_Rsym_value        ? 
_reflns_shell.meanI_over_sigI_obs    ? 
_reflns_shell.pdbx_redundancy        6.60 
_reflns_shell.percent_possible_obs   ? 
_reflns_shell.number_unique_all      ? 
_reflns_shell.number_measured_all    ? 
_reflns_shell.number_measured_obs    ? 
_reflns_shell.number_unique_obs      ? 
_reflns_shell.pdbx_chi_squared       ? 
_reflns_shell.pdbx_diffrn_id         ? 
_reflns_shell.pdbx_ordinal           1 
# 
_refine.entry_id                                 3L36 
_refine.ls_number_reflns_obs                     13620 
_refine.ls_number_reflns_all                     ? 
_refine.pdbx_ls_sigma_I                          ? 
_refine.pdbx_ls_sigma_F                          ? 
_refine.pdbx_data_cutoff_high_absF               ? 
_refine.pdbx_data_cutoff_low_absF                ? 
_refine.pdbx_data_cutoff_high_rms_absF           ? 
_refine.ls_d_res_low                             21.64 
_refine.ls_d_res_high                            1.45 
_refine.ls_percent_reflns_obs                    99.6 
_refine.ls_R_factor_obs                          0.246 
_refine.ls_R_factor_all                          ? 
_refine.ls_R_factor_R_work                       0.243 
_refine.ls_R_factor_R_free                       0.278 
_refine.ls_R_factor_R_free_error                 ? 
_refine.ls_R_factor_R_free_error_details         ? 
_refine.ls_percent_reflns_R_free                 7.700 
_refine.ls_number_reflns_R_free                  1136 
_refine.ls_number_parameters                     ? 
_refine.ls_number_restraints                     ? 
_refine.occupancy_min                            ? 
_refine.occupancy_max                            ? 
_refine.correlation_coeff_Fo_to_Fc               0.947 
_refine.correlation_coeff_Fo_to_Fc_free          0.920 
_refine.B_iso_mean                               29.18 
_refine.aniso_B[1][1]                            0.82000 
_refine.aniso_B[2][2]                            0.82000 
_refine.aniso_B[3][3]                            -1.24000 
_refine.aniso_B[1][2]                            0.41000 
_refine.aniso_B[1][3]                            0.00000 
_refine.aniso_B[2][3]                            0.00000 
_refine.solvent_model_details                    MASK 
_refine.solvent_model_param_ksol                 ? 
_refine.solvent_model_param_bsol                 ? 
_refine.pdbx_solvent_vdw_probe_radii             1.40 
_refine.pdbx_solvent_ion_probe_radii             0.80 
_refine.pdbx_solvent_shrinkage_radii             0.80 
_refine.pdbx_ls_cross_valid_method               THROUGHOUT 
_refine.details                                  'HYDROGENS HAVE BEEN ADDED IN THE RIDING POSITIONS U VALUES: REFINED INDIVIDUALLY' 
_refine.pdbx_starting_model                      ? 
_refine.pdbx_method_to_determine_struct          'MOLECULAR REPLACEMENT' 
_refine.pdbx_isotropic_thermal_model             ? 
_refine.pdbx_stereochemistry_target_values       'MAXIMUM LIKELIHOOD' 
_refine.pdbx_stereochem_target_val_spec_case     ? 
_refine.pdbx_R_Free_selection_details            RANDOM 
_refine.pdbx_overall_ESU_R                       0.083 
_refine.pdbx_overall_ESU_R_Free                  0.086 
_refine.overall_SU_ML                            0.045 
_refine.overall_SU_B                             1.122 
_refine.ls_redundancy_reflns_obs                 ? 
_refine.B_iso_min                                ? 
_refine.B_iso_max                                ? 
_refine.overall_SU_R_Cruickshank_DPI             ? 
_refine.overall_SU_R_free                        ? 
_refine.ls_wR_factor_R_free                      ? 
_refine.ls_wR_factor_R_work                      ? 
_refine.overall_FOM_free_R_set                   ? 
_refine.overall_FOM_work_R_set                   ? 
_refine.pdbx_overall_phase_error                 ? 
_refine.pdbx_refine_id                           'X-RAY DIFFRACTION' 
_refine.pdbx_diffrn_id                           1 
_refine.pdbx_TLS_residual_ADP_flag               ? 
_refine.pdbx_overall_SU_R_free_Cruickshank_DPI   ? 
_refine.pdbx_overall_SU_R_Blow_DPI               ? 
_refine.pdbx_overall_SU_R_free_Blow_DPI          ? 
# 
_refine_hist.pdbx_refine_id                   'X-RAY DIFFRACTION' 
_refine_hist.cycle_id                         LAST 
_refine_hist.pdbx_number_atoms_protein        524 
_refine_hist.pdbx_number_atoms_nucleic_acid   0 
_refine_hist.pdbx_number_atoms_ligand         14 
_refine_hist.number_atoms_solvent             49 
_refine_hist.number_atoms_total               587 
_refine_hist.d_res_high                       1.45 
_refine_hist.d_res_low                        21.64 
# 
loop_
_refine_ls_restr.type 
_refine_ls_restr.dev_ideal 
_refine_ls_restr.dev_ideal_target 
_refine_ls_restr.weight 
_refine_ls_restr.number 
_refine_ls_restr.pdbx_refine_id 
_refine_ls_restr.pdbx_restraint_function 
r_bond_refined_d             0.010  0.022  ? 548 'X-RAY DIFFRACTION' ? 
r_bond_other_d               ?      ?      ? ?   'X-RAY DIFFRACTION' ? 
r_angle_refined_deg          1.530  2.133  ? 717 'X-RAY DIFFRACTION' ? 
r_angle_other_deg            ?      ?      ? ?   'X-RAY DIFFRACTION' ? 
r_dihedral_angle_1_deg       2.895  5.000  ? 55  'X-RAY DIFFRACTION' ? 
r_dihedral_angle_2_deg       32.634 25.882 ? 17  'X-RAY DIFFRACTION' ? 
r_dihedral_angle_3_deg       18.092 15.000 ? 98  'X-RAY DIFFRACTION' ? 
r_dihedral_angle_4_deg       19.831 15.000 ? 3   'X-RAY DIFFRACTION' ? 
r_chiral_restr               0.070  0.200  ? 78  'X-RAY DIFFRACTION' ? 
r_gen_planes_refined         0.006  0.021  ? 355 'X-RAY DIFFRACTION' ? 
r_gen_planes_other           ?      ?      ? ?   'X-RAY DIFFRACTION' ? 
r_nbd_refined                ?      ?      ? ?   'X-RAY DIFFRACTION' ? 
r_nbd_other                  ?      ?      ? ?   'X-RAY DIFFRACTION' ? 
r_nbtor_refined              ?      ?      ? ?   'X-RAY DIFFRACTION' ? 
r_nbtor_other                ?      ?      ? ?   'X-RAY DIFFRACTION' ? 
r_xyhbond_nbd_refined        ?      ?      ? ?   'X-RAY DIFFRACTION' ? 
r_xyhbond_nbd_other          ?      ?      ? ?   'X-RAY DIFFRACTION' ? 
r_metal_ion_refined          ?      ?      ? ?   'X-RAY DIFFRACTION' ? 
r_metal_ion_other            ?      ?      ? ?   'X-RAY DIFFRACTION' ? 
r_symmetry_vdw_refined       ?      ?      ? ?   'X-RAY DIFFRACTION' ? 
r_symmetry_vdw_other         ?      ?      ? ?   'X-RAY DIFFRACTION' ? 
r_symmetry_hbond_refined     ?      ?      ? ?   'X-RAY DIFFRACTION' ? 
r_symmetry_hbond_other       ?      ?      ? ?   'X-RAY DIFFRACTION' ? 
r_symmetry_metal_ion_refined ?      ?      ? ?   'X-RAY DIFFRACTION' ? 
r_symmetry_metal_ion_other   ?      ?      ? ?   'X-RAY DIFFRACTION' ? 
r_mcbond_it                  0.904  1.500  ? 309 'X-RAY DIFFRACTION' ? 
r_mcbond_other               ?      ?      ? ?   'X-RAY DIFFRACTION' ? 
r_mcangle_it                 1.770  2.000  ? 487 'X-RAY DIFFRACTION' ? 
r_scbond_it                  2.842  3.000  ? 238 'X-RAY DIFFRACTION' ? 
r_scangle_it                 4.916  4.500  ? 230 'X-RAY DIFFRACTION' ? 
r_rigid_bond_restr           ?      ?      ? ?   'X-RAY DIFFRACTION' ? 
r_sphericity_free            ?      ?      ? ?   'X-RAY DIFFRACTION' ? 
r_sphericity_bonded          ?      ?      ? ?   'X-RAY DIFFRACTION' ? 
# 
_refine_ls_shell.pdbx_total_number_of_bins_used   20 
_refine_ls_shell.d_res_high                       1.45 
_refine_ls_shell.d_res_low                        1.49 
_refine_ls_shell.number_reflns_R_work             933 
_refine_ls_shell.R_factor_R_work                  0.2990 
_refine_ls_shell.percent_reflns_obs               95.86 
_refine_ls_shell.R_factor_R_free                  0.3500 
_refine_ls_shell.R_factor_R_free_error            ? 
_refine_ls_shell.percent_reflns_R_free            ? 
_refine_ls_shell.number_reflns_R_free             85 
_refine_ls_shell.number_reflns_all                ? 
_refine_ls_shell.R_factor_all                     ? 
_refine_ls_shell.number_reflns_obs                ? 
_refine_ls_shell.redundancy_reflns_obs            ? 
_refine_ls_shell.pdbx_refine_id                   'X-RAY DIFFRACTION' 
# 
_struct.entry_id                  3L36 
_struct.title                     'PIE12 D-peptide against HIV entry' 
_struct.pdbx_model_details        ? 
_struct.pdbx_CASP_flag            ? 
_struct.pdbx_model_type_details   ? 
# 
_struct_keywords.entry_id        3L36 
_struct_keywords.pdbx_keywords   'DE NOVO PROTEIN' 
_struct_keywords.text            'COILED-COIL, D-PEPTIDE INHIBITOR, DE NOVO PROTEIN' 
# 
loop_
_struct_asym.id 
_struct_asym.pdbx_blank_PDB_chainid_flag 
_struct_asym.pdbx_modified 
_struct_asym.entity_id 
_struct_asym.details 
A N N 1 ? 
B N N 2 ? 
C N N 3 ? 
D N N 4 ? 
E N N 4 ? 
# 
loop_
_struct_ref.id 
_struct_ref.db_name 
_struct_ref.db_code 
_struct_ref.pdbx_db_accession 
_struct_ref.entity_id 
_struct_ref.pdbx_align_begin 
_struct_ref.pdbx_seq_one_letter_code 
_struct_ref.pdbx_db_isoform 
1 PDB 3L36 3L36 1 1 XRMKQIEDKIEEIESKQKKIENEIARIKKLLQLTVWGIKQLQARILX ? 
2 PDB 3L36 3L36 2 1 XKHPCDYPEWQWLCELX                               ? 
# 
loop_
_struct_ref_seq.align_id 
_struct_ref_seq.ref_id 
_struct_ref_seq.pdbx_PDB_id_code 
_struct_ref_seq.pdbx_strand_id 
_struct_ref_seq.seq_align_beg 
_struct_ref_seq.pdbx_seq_align_beg_ins_code 
_struct_ref_seq.seq_align_end 
_struct_ref_seq.pdbx_seq_align_end_ins_code 
_struct_ref_seq.pdbx_db_accession 
_struct_ref_seq.db_align_beg 
_struct_ref_seq.pdbx_db_align_beg_ins_code 
_struct_ref_seq.db_align_end 
_struct_ref_seq.pdbx_db_align_end_ins_code 
_struct_ref_seq.pdbx_auth_seq_align_beg 
_struct_ref_seq.pdbx_auth_seq_align_end 
1 1 3L36 A 1 ? 47 ? 3L36 0 ? 46 ? 0 46 
2 2 3L36 H 1 ? 17 ? 3L36 1 ? 17 ? 1 17 
# 
_pdbx_struct_assembly.id                   1 
_pdbx_struct_assembly.details              author_and_software_defined_assembly 
_pdbx_struct_assembly.method_details       PISA 
_pdbx_struct_assembly.oligomeric_details   hexameric 
_pdbx_struct_assembly.oligomeric_count     6 
# 
loop_
_pdbx_struct_assembly_prop.biol_id 
_pdbx_struct_assembly_prop.type 
_pdbx_struct_assembly_prop.value 
_pdbx_struct_assembly_prop.details 
1 'ABSA (A^2)' 11210 ? 
1 MORE         -71   ? 
1 'SSA (A^2)'  11050 ? 
# 
_pdbx_struct_assembly_gen.assembly_id       1 
_pdbx_struct_assembly_gen.oper_expression   1,2,3 
_pdbx_struct_assembly_gen.asym_id_list      A,B,C,D,E 
# 
loop_
_pdbx_struct_oper_list.id 
_pdbx_struct_oper_list.type 
_pdbx_struct_oper_list.name 
_pdbx_struct_oper_list.symmetry_operation 
_pdbx_struct_oper_list.matrix[1][1] 
_pdbx_struct_oper_list.matrix[1][2] 
_pdbx_struct_oper_list.matrix[1][3] 
_pdbx_struct_oper_list.vector[1] 
_pdbx_struct_oper_list.matrix[2][1] 
_pdbx_struct_oper_list.matrix[2][2] 
_pdbx_struct_oper_list.matrix[2][3] 
_pdbx_struct_oper_list.vector[2] 
_pdbx_struct_oper_list.matrix[3][1] 
_pdbx_struct_oper_list.matrix[3][2] 
_pdbx_struct_oper_list.matrix[3][3] 
_pdbx_struct_oper_list.vector[3] 
1 'identity operation'         1_555 x,y,z       1.0000000000  0.0000000000 0.0000000000  0.0000000000  0.0000000000 1.0000000000 0.0000000000  0.0000000000  0.0000000000  0.0000000000  1.0000000000  0.0000000000  
2 'crystal symmetry operation' 2_545 -y,x-y-1,z  -0.3605226524 0.5538954495 -0.7504820105 11.9962584315 0.3075698262 0.8301844961 0.4649672080  -4.1387716216 0.8805817504  -0.0631944105 -0.4696618437 1.6832887004  
3 'crystal symmetry operation' 3_655 -x+y+1,-x,z -0.3605226524 0.3075698262 0.8805817504  4.1156108668  0.5538954495 0.8301844961 -0.0631944105 -3.1023544861 -0.7504820105 0.4649672080  -0.4696618437 11.7179457057 
# 
_struct_biol.id        1 
_struct_biol.details   
;BIOMOLECULE: 1, 2
SEE REMARK 350 FOR THE AUTHOR PROVIDED AND/OR PROGRAM
GENERATED ASSEMBLY INFORMATION FOR THE STRUCTURE IN
THIS ENTRY. THE REMARK MAY ALSO PROVIDE INFORMATION ON
BURIED SURFACE AREA.

COORDINATES FOR A COMPLETE MULTIMER REPRESENTING THE KNOWN
BIOLOGICALLY SIGNIFICANT OLIGOMERIZATION STATE OF THE
MOLECULE CAN BE GENERATED BY APPLYING BIOMT TRANSFORMATIONS
GIVEN BELOW.  BOTH NON-CRYSTALLOGRAPHIC AND
CRYSTALLOGRAPHIC OPERATIONS ARE GIVEN.

BIOMOLECULE: 1
AUTHOR DETERMINED BIOLOGICAL UNIT: HEXAMERIC
SOFTWARE DETERMINED QUATERNARY STRUCTURE: HEXAMERIC
SOFTWARE USED: PISA
TOTAL BURIED SURFACE AREA: 12270 ANGSTROM**2
SURFACE AREA OF THE COMPLEX: 10770 ANGSTROM**2
CHANGE IN SOLVENT FREE ENERGY: -110.0 KCAL/MOL
APPLY THE FOLLOWING TO CHAINS: A, H
  BIOMT1   1  1.000000  0.000000  0.000000        0.00000
  BIOMT2   1  0.000000  1.000000  0.000000        0.00000
  BIOMT3   1  0.000000  0.000000  1.000000        0.00000
  BIOMT1   2 -0.500000 -0.866025  0.000000       20.55850
  BIOMT2   2  0.866025 -0.500000  0.000000      -35.60837
  BIOMT3   2  0.000000  0.000000  1.000000        0.00000
  BIOMT1   3 -0.500000  0.866025  0.000000       41.11700
  BIOMT2   3 -0.866025 -0.500000  0.000000        0.00000
  BIOMT3   3  0.000000  0.000000  1.000000        0.00000

BIOMOLECULE: 2
SOFTWARE DETERMINED QUATERNARY STRUCTURE: DIMERIC
SOFTWARE USED: PISA
TOTAL BURIED SURFACE AREA: 1570 ANGSTROM**2
SURFACE AREA OF THE COMPLEX: 6110 ANGSTROM**2
CHANGE IN SOLVENT FREE ENERGY: -16.0 KCAL/MOL
APPLY THE FOLLOWING TO CHAINS: A, H
  BIOMT1   1  1.000000  0.000000  0.000000        0.00000
  BIOMT2   1  0.000000  1.000000  0.000000        0.00000
  BIOMT3   1  0.000000  0.000000  1.000000        0.00000
;
# 
loop_
_struct_conf.conf_type_id 
_struct_conf.id 
_struct_conf.pdbx_PDB_helix_id 
_struct_conf.beg_label_comp_id 
_struct_conf.beg_label_asym_id 
_struct_conf.beg_label_seq_id 
_struct_conf.pdbx_beg_PDB_ins_code 
_struct_conf.end_label_comp_id 
_struct_conf.end_label_asym_id 
_struct_conf.end_label_seq_id 
_struct_conf.pdbx_end_PDB_ins_code 
_struct_conf.beg_auth_comp_id 
_struct_conf.beg_auth_asym_id 
_struct_conf.beg_auth_seq_id 
_struct_conf.end_auth_comp_id 
_struct_conf.end_auth_asym_id 
_struct_conf.end_auth_seq_id 
_struct_conf.pdbx_PDB_helix_class 
_struct_conf.details 
_struct_conf.pdbx_PDB_helix_length 
HELX_P HELX_P1 1 ARG A 2  ? LEU A 46 ? ARG A 1  LEU A 45 1 ? 45 
HELX_P HELX_P2 2 DHI B 3  ? DGL B 9  ? DHI H 3  DGL H 9  5 ? 7  
HELX_P HELX_P3 3 DTR B 10 ? DGL B 15 ? DTR H 10 DGL H 15 1 ? 6  
# 
_struct_conf_type.id          HELX_P 
_struct_conf_type.criteria    ? 
_struct_conf_type.reference   ? 
# 
loop_
_struct_conn.id 
_struct_conn.conn_type_id 
_struct_conn.pdbx_leaving_atom_flag 
_struct_conn.pdbx_PDB_id 
_struct_conn.ptnr1_label_asym_id 
_struct_conn.ptnr1_label_comp_id 
_struct_conn.ptnr1_label_seq_id 
_struct_conn.ptnr1_label_atom_id 
_struct_conn.pdbx_ptnr1_label_alt_id 
_struct_conn.pdbx_ptnr1_PDB_ins_code 
_struct_conn.pdbx_ptnr1_standard_comp_id 
_struct_conn.ptnr1_symmetry 
_struct_conn.ptnr2_label_asym_id 
_struct_conn.ptnr2_label_comp_id 
_struct_conn.ptnr2_label_seq_id 
_struct_conn.ptnr2_label_atom_id 
_struct_conn.pdbx_ptnr2_label_alt_id 
_struct_conn.pdbx_ptnr2_PDB_ins_code 
_struct_conn.ptnr1_auth_asym_id 
_struct_conn.ptnr1_auth_comp_id 
_struct_conn.ptnr1_auth_seq_id 
_struct_conn.ptnr2_auth_asym_id 
_struct_conn.ptnr2_auth_comp_id 
_struct_conn.ptnr2_auth_seq_id 
_struct_conn.ptnr2_symmetry 
_struct_conn.pdbx_ptnr3_label_atom_id 
_struct_conn.pdbx_ptnr3_label_seq_id 
_struct_conn.pdbx_ptnr3_label_comp_id 
_struct_conn.pdbx_ptnr3_label_asym_id 
_struct_conn.pdbx_ptnr3_label_alt_id 
_struct_conn.pdbx_ptnr3_PDB_ins_code 
_struct_conn.details 
_struct_conn.pdbx_dist_value 
_struct_conn.pdbx_value_order 
_struct_conn.pdbx_role 
disulf1  disulf ?    ? B DCY 5  SG ? ? ? 1_555 B DCY 14 SG ? ? H DCY 5  H DCY 14 1_555 ? ? ? ? ? ? ? 2.063 ? ? 
covale1  covale both ? A ACE 1  C  ? ? ? 1_555 A ARG 2  N  ? ? A ACE 0  A ARG 1  1_555 ? ? ? ? ? ? ? 1.325 ? ? 
covale2  covale both ? A LEU 46 C  ? ? ? 1_555 A NH2 47 N  ? ? A LEU 45 A NH2 46 1_555 ? ? ? ? ? ? ? 1.328 ? ? 
covale3  covale both ? B ACE 1  C  ? ? ? 1_555 B DLY 2  N  ? ? H ACE 1  H DLY 2  1_555 ? ? ? ? ? ? ? 1.338 ? ? 
covale4  covale both ? B DLY 2  C  ? ? ? 1_555 B DHI 3  N  ? ? H DLY 2  H DHI 3  1_555 ? ? ? ? ? ? ? 1.324 ? ? 
covale5  covale both ? B DHI 3  C  ? ? ? 1_555 B DPR 4  N  ? ? H DHI 3  H DPR 4  1_555 ? ? ? ? ? ? ? 1.347 ? ? 
covale6  covale both ? B DPR 4  C  ? ? ? 1_555 B DCY 5  N  ? ? H DPR 4  H DCY 5  1_555 ? ? ? ? ? ? ? 1.333 ? ? 
covale7  covale both ? B DCY 5  C  ? ? ? 1_555 B DAS 6  N  ? ? H DCY 5  H DAS 6  1_555 ? ? ? ? ? ? ? 1.335 ? ? 
covale8  covale both ? B DAS 6  C  ? ? ? 1_555 B DTY 7  N  ? ? H DAS 6  H DTY 7  1_555 ? ? ? ? ? ? ? 1.337 ? ? 
covale9  covale both ? B DTY 7  C  ? ? ? 1_555 B DPR 8  N  ? ? H DTY 7  H DPR 8  1_555 ? ? ? ? ? ? ? 1.344 ? ? 
covale10 covale both ? B DPR 8  C  ? ? ? 1_555 B DGL 9  N  ? ? H DPR 8  H DGL 9  1_555 ? ? ? ? ? ? ? 1.340 ? ? 
covale11 covale both ? B DGL 9  C  ? ? ? 1_555 B DTR 10 N  ? ? H DGL 9  H DTR 10 1_555 ? ? ? ? ? ? ? 1.328 ? ? 
covale12 covale both ? B DTR 10 C  ? ? ? 1_555 B DGN 11 N  ? ? H DTR 10 H DGN 11 1_555 ? ? ? ? ? ? ? 1.332 ? ? 
covale13 covale both ? B DGN 11 C  ? ? ? 1_555 B DTR 12 N  ? ? H DGN 11 H DTR 12 1_555 ? ? ? ? ? ? ? 1.332 ? ? 
covale14 covale both ? B DTR 12 C  ? ? ? 1_555 B DLE 13 N  ? ? H DTR 12 H DLE 13 1_555 ? ? ? ? ? ? ? 1.320 ? ? 
covale15 covale both ? B DLE 13 C  ? ? ? 1_555 B DCY 14 N  ? ? H DLE 13 H DCY 14 1_555 ? ? ? ? ? ? ? 1.332 ? ? 
covale16 covale both ? B DCY 14 C  ? ? ? 1_555 B DGL 15 N  ? ? H DCY 14 H DGL 15 1_555 ? ? ? ? ? ? ? 1.335 ? ? 
covale17 covale both ? B DGL 15 C  ? ? ? 1_555 B DLE 16 N  ? ? H DGL 15 H DLE 16 1_555 ? ? ? ? ? ? ? 1.336 ? ? 
covale18 covale both ? B DLE 16 C  ? ? ? 1_555 B NH2 17 N  ? ? H DLE 16 H NH2 17 1_555 ? ? ? ? ? ? ? 1.341 ? ? 
# 
loop_
_struct_conn_type.id 
_struct_conn_type.criteria 
_struct_conn_type.reference 
disulf ? ? 
covale ? ? 
# 
loop_
_pdbx_modification_feature.ordinal 
_pdbx_modification_feature.label_comp_id 
_pdbx_modification_feature.label_asym_id 
_pdbx_modification_feature.label_seq_id 
_pdbx_modification_feature.label_alt_id 
_pdbx_modification_feature.modified_residue_label_comp_id 
_pdbx_modification_feature.modified_residue_label_asym_id 
_pdbx_modification_feature.modified_residue_label_seq_id 
_pdbx_modification_feature.modified_residue_label_alt_id 
_pdbx_modification_feature.auth_comp_id 
_pdbx_modification_feature.auth_asym_id 
_pdbx_modification_feature.auth_seq_id 
_pdbx_modification_feature.PDB_ins_code 
_pdbx_modification_feature.symmetry 
_pdbx_modification_feature.modified_residue_auth_comp_id 
_pdbx_modification_feature.modified_residue_auth_asym_id 
_pdbx_modification_feature.modified_residue_auth_seq_id 
_pdbx_modification_feature.modified_residue_PDB_ins_code 
_pdbx_modification_feature.modified_residue_symmetry 
_pdbx_modification_feature.comp_id_linking_atom 
_pdbx_modification_feature.modified_residue_id_linking_atom 
_pdbx_modification_feature.modified_residue_id 
_pdbx_modification_feature.ref_pcm_id 
_pdbx_modification_feature.ref_comp_id 
_pdbx_modification_feature.type 
_pdbx_modification_feature.category 
1 ACE A 1  ? ARG A 2  ? ACE A 0  ? 1_555 ARG A 1  ? 1_555 .  .  ARG 8  ACE None 'Terminal acetylation' 
2 ACE B 1  ? DLY B 2  ? ACE H 1  ? 1_555 DLY H 2  ? 1_555 .  .  DLY 35 ACE None 'Terminal acetylation' 
3 NH2 A 47 ? LEU A 46 ? NH2 A 46 ? 1_555 LEU A 45 ? 1_555 .  .  LEU 14 NH2 None 'Terminal amidation'   
4 NH2 B 17 ? DLE B 16 ? NH2 H 17 ? 1_555 DLE H 16 ? 1_555 .  .  DLE 31 NH2 None 'Terminal amidation'   
5 DCY B 5  ? DCY B 14 ? DCY H 5  ? 1_555 DCY H 14 ? 1_555 SG SG .   .  .   None 'Disulfide bridge'     
# 
_struct_site.id                   AC1 
_struct_site.pdbx_evidence_code   Software 
_struct_site.pdbx_auth_asym_id    H 
_struct_site.pdbx_auth_comp_id    CXS 
_struct_site.pdbx_auth_seq_id     18 
_struct_site.pdbx_auth_ins_code   ? 
_struct_site.pdbx_num_residues    10 
_struct_site.details              'BINDING SITE FOR RESIDUE CXS H 18' 
# 
loop_
_struct_site_gen.id 
_struct_site_gen.site_id 
_struct_site_gen.pdbx_num_res 
_struct_site_gen.label_comp_id 
_struct_site_gen.label_asym_id 
_struct_site_gen.label_seq_id 
_struct_site_gen.pdbx_auth_ins_code 
_struct_site_gen.auth_comp_id 
_struct_site_gen.auth_asym_id 
_struct_site_gen.auth_seq_id 
_struct_site_gen.label_atom_id 
_struct_site_gen.label_alt_id 
_struct_site_gen.symmetry 
_struct_site_gen.details 
1  AC1 10 ACE A 1  ? ACE A 0  . ? 6_556 ? 
2  AC1 10 ARG A 2  ? ARG A 1  . ? 6_556 ? 
3  AC1 10 MET A 3  ? MET A 2  . ? 6_556 ? 
4  AC1 10 HOH D .  ? HOH A 56 . ? 6_556 ? 
5  AC1 10 HOH D .  ? HOH A 62 . ? 6_556 ? 
6  AC1 10 DCY B 5  ? DCY H 5  . ? 1_555 ? 
7  AC1 10 DAS B 6  ? DAS H 6  . ? 2_445 ? 
8  AC1 10 DAS B 6  ? DAS H 6  . ? 1_555 ? 
9  AC1 10 DGN B 11 ? DGN H 11 . ? 1_555 ? 
10 AC1 10 DCY B 14 ? DCY H 14 . ? 1_555 ? 
# 
_pdbx_entry_details.entry_id                   3L36 
_pdbx_entry_details.compound_details           ? 
_pdbx_entry_details.source_details             ? 
_pdbx_entry_details.nonpolymer_details         ? 
_pdbx_entry_details.sequence_details           ? 
_pdbx_entry_details.has_ligand_of_interest     ? 
_pdbx_entry_details.has_protein_modification   Y 
# 
_pdbx_validate_rmsd_angle.id                         1 
_pdbx_validate_rmsd_angle.PDB_model_num              1 
_pdbx_validate_rmsd_angle.auth_atom_id_1             CB 
_pdbx_validate_rmsd_angle.auth_asym_id_1             H 
_pdbx_validate_rmsd_angle.auth_comp_id_1             DTY 
_pdbx_validate_rmsd_angle.auth_seq_id_1              7 
_pdbx_validate_rmsd_angle.PDB_ins_code_1             ? 
_pdbx_validate_rmsd_angle.label_alt_id_1             ? 
_pdbx_validate_rmsd_angle.auth_atom_id_2             CG 
_pdbx_validate_rmsd_angle.auth_asym_id_2             H 
_pdbx_validate_rmsd_angle.auth_comp_id_2             DTY 
_pdbx_validate_rmsd_angle.auth_seq_id_2              7 
_pdbx_validate_rmsd_angle.PDB_ins_code_2             ? 
_pdbx_validate_rmsd_angle.label_alt_id_2             ? 
_pdbx_validate_rmsd_angle.auth_atom_id_3             CD1 
_pdbx_validate_rmsd_angle.auth_asym_id_3             H 
_pdbx_validate_rmsd_angle.auth_comp_id_3             DTY 
_pdbx_validate_rmsd_angle.auth_seq_id_3              7 
_pdbx_validate_rmsd_angle.PDB_ins_code_3             ? 
_pdbx_validate_rmsd_angle.label_alt_id_3             ? 
_pdbx_validate_rmsd_angle.angle_value                117.20 
_pdbx_validate_rmsd_angle.angle_target_value         121.00 
_pdbx_validate_rmsd_angle.angle_deviation            -3.80 
_pdbx_validate_rmsd_angle.angle_standard_deviation   0.60 
_pdbx_validate_rmsd_angle.linker_flag                N 
# 
loop_
_pdbx_struct_special_symmetry.id 
_pdbx_struct_special_symmetry.PDB_model_num 
_pdbx_struct_special_symmetry.auth_asym_id 
_pdbx_struct_special_symmetry.auth_comp_id 
_pdbx_struct_special_symmetry.auth_seq_id 
_pdbx_struct_special_symmetry.PDB_ins_code 
_pdbx_struct_special_symmetry.label_asym_id 
_pdbx_struct_special_symmetry.label_comp_id 
_pdbx_struct_special_symmetry.label_seq_id 
1 1 A HOH 47 ? D HOH . 
2 1 A HOH 52 ? D HOH . 
# 
loop_
_chem_comp_atom.comp_id 
_chem_comp_atom.atom_id 
_chem_comp_atom.type_symbol 
_chem_comp_atom.pdbx_aromatic_flag 
_chem_comp_atom.pdbx_stereo_config 
_chem_comp_atom.pdbx_ordinal 
ACE C    C N N 1   
ACE O    O N N 2   
ACE CH3  C N N 3   
ACE H    H N N 4   
ACE H1   H N N 5   
ACE H2   H N N 6   
ACE H3   H N N 7   
ALA N    N N N 8   
ALA CA   C N S 9   
ALA C    C N N 10  
ALA O    O N N 11  
ALA CB   C N N 12  
ALA OXT  O N N 13  
ALA H    H N N 14  
ALA H2   H N N 15  
ALA HA   H N N 16  
ALA HB1  H N N 17  
ALA HB2  H N N 18  
ALA HB3  H N N 19  
ALA HXT  H N N 20  
ARG N    N N N 21  
ARG CA   C N S 22  
ARG C    C N N 23  
ARG O    O N N 24  
ARG CB   C N N 25  
ARG CG   C N N 26  
ARG CD   C N N 27  
ARG NE   N N N 28  
ARG CZ   C N N 29  
ARG NH1  N N N 30  
ARG NH2  N N N 31  
ARG OXT  O N N 32  
ARG H    H N N 33  
ARG H2   H N N 34  
ARG HA   H N N 35  
ARG HB2  H N N 36  
ARG HB3  H N N 37  
ARG HG2  H N N 38  
ARG HG3  H N N 39  
ARG HD2  H N N 40  
ARG HD3  H N N 41  
ARG HE   H N N 42  
ARG HH11 H N N 43  
ARG HH12 H N N 44  
ARG HH21 H N N 45  
ARG HH22 H N N 46  
ARG HXT  H N N 47  
ASN N    N N N 48  
ASN CA   C N S 49  
ASN C    C N N 50  
ASN O    O N N 51  
ASN CB   C N N 52  
ASN CG   C N N 53  
ASN OD1  O N N 54  
ASN ND2  N N N 55  
ASN OXT  O N N 56  
ASN H    H N N 57  
ASN H2   H N N 58  
ASN HA   H N N 59  
ASN HB2  H N N 60  
ASN HB3  H N N 61  
ASN HD21 H N N 62  
ASN HD22 H N N 63  
ASN HXT  H N N 64  
ASP N    N N N 65  
ASP CA   C N S 66  
ASP C    C N N 67  
ASP O    O N N 68  
ASP CB   C N N 69  
ASP CG   C N N 70  
ASP OD1  O N N 71  
ASP OD2  O N N 72  
ASP OXT  O N N 73  
ASP H    H N N 74  
ASP H2   H N N 75  
ASP HA   H N N 76  
ASP HB2  H N N 77  
ASP HB3  H N N 78  
ASP HD2  H N N 79  
ASP HXT  H N N 80  
CXS S    S N N 81  
CXS O1   O N N 82  
CXS O2   O N N 83  
CXS O3   O N N 84  
CXS C1   C N N 85  
CXS C2   C N N 86  
CXS C3   C N N 87  
CXS N    N N N 88  
CXS C4   C N N 89  
CXS C5   C N N 90  
CXS C6   C N N 91  
CXS C7   C N N 92  
CXS C8   C N N 93  
CXS C9   C N N 94  
CXS HO3  H N N 95  
CXS H11  H N N 96  
CXS H12  H N N 97  
CXS H21  H N N 98  
CXS H22  H N N 99  
CXS H31  H N N 100 
CXS H32  H N N 101 
CXS HN   H N N 102 
CXS H4   H N N 103 
CXS H51  H N N 104 
CXS H52  H N N 105 
CXS H61  H N N 106 
CXS H62  H N N 107 
CXS H71  H N N 108 
CXS H72  H N N 109 
CXS H81  H N N 110 
CXS H82  H N N 111 
CXS H91  H N N 112 
CXS H92  H N N 113 
DAS N    N N N 114 
DAS CA   C N R 115 
DAS C    C N N 116 
DAS O    O N N 117 
DAS CB   C N N 118 
DAS CG   C N N 119 
DAS OD1  O N N 120 
DAS OD2  O N N 121 
DAS OXT  O N N 122 
DAS H    H N N 123 
DAS H2   H N N 124 
DAS HA   H N N 125 
DAS HB2  H N N 126 
DAS HB3  H N N 127 
DAS HD2  H N N 128 
DAS HXT  H N N 129 
DCY N    N N N 130 
DCY CA   C N S 131 
DCY C    C N N 132 
DCY O    O N N 133 
DCY CB   C N N 134 
DCY SG   S N N 135 
DCY OXT  O N N 136 
DCY H    H N N 137 
DCY H2   H N N 138 
DCY HA   H N N 139 
DCY HB2  H N N 140 
DCY HB3  H N N 141 
DCY HG   H N N 142 
DCY HXT  H N N 143 
DGL N    N N N 144 
DGL CA   C N R 145 
DGL C    C N N 146 
DGL O    O N N 147 
DGL CB   C N N 148 
DGL CG   C N N 149 
DGL CD   C N N 150 
DGL OE1  O N N 151 
DGL OE2  O N N 152 
DGL OXT  O N N 153 
DGL H    H N N 154 
DGL H2   H N N 155 
DGL HA   H N N 156 
DGL HB2  H N N 157 
DGL HB3  H N N 158 
DGL HG2  H N N 159 
DGL HG3  H N N 160 
DGL HE2  H N N 161 
DGL HXT  H N N 162 
DGN N    N N N 163 
DGN CA   C N R 164 
DGN C    C N N 165 
DGN O    O N N 166 
DGN OXT  O N N 167 
DGN CB   C N N 168 
DGN CG   C N N 169 
DGN CD   C N N 170 
DGN OE1  O N N 171 
DGN NE2  N N N 172 
DGN H    H N N 173 
DGN H2   H N N 174 
DGN HA   H N N 175 
DGN HXT  H N N 176 
DGN HB2  H N N 177 
DGN HB3  H N N 178 
DGN HG2  H N N 179 
DGN HG3  H N N 180 
DGN HE21 H N N 181 
DGN HE22 H N N 182 
DHI N    N N N 183 
DHI CA   C N R 184 
DHI C    C N N 185 
DHI O    O N N 186 
DHI CB   C N N 187 
DHI CG   C Y N 188 
DHI ND1  N Y N 189 
DHI CD2  C Y N 190 
DHI CE1  C Y N 191 
DHI NE2  N Y N 192 
DHI OXT  O N N 193 
DHI H    H N N 194 
DHI H2   H N N 195 
DHI HA   H N N 196 
DHI HB2  H N N 197 
DHI HB3  H N N 198 
DHI HD1  H N N 199 
DHI HD2  H N N 200 
DHI HE1  H N N 201 
DHI HE2  H N N 202 
DHI HXT  H N N 203 
DLE N    N N N 204 
DLE CA   C N R 205 
DLE CB   C N N 206 
DLE CG   C N N 207 
DLE CD1  C N N 208 
DLE CD2  C N N 209 
DLE C    C N N 210 
DLE O    O N N 211 
DLE OXT  O N N 212 
DLE H    H N N 213 
DLE H2   H N N 214 
DLE HA   H N N 215 
DLE HB2  H N N 216 
DLE HB3  H N N 217 
DLE HG   H N N 218 
DLE HD11 H N N 219 
DLE HD12 H N N 220 
DLE HD13 H N N 221 
DLE HD21 H N N 222 
DLE HD22 H N N 223 
DLE HD23 H N N 224 
DLE HXT  H N N 225 
DLY N    N N N 226 
DLY CA   C N R 227 
DLY C    C N N 228 
DLY O    O N N 229 
DLY CB   C N N 230 
DLY CG   C N N 231 
DLY CD   C N N 232 
DLY CE   C N N 233 
DLY NZ   N N N 234 
DLY OXT  O N N 235 
DLY H    H N N 236 
DLY H2   H N N 237 
DLY HA   H N N 238 
DLY HB2  H N N 239 
DLY HB3  H N N 240 
DLY HG2  H N N 241 
DLY HG3  H N N 242 
DLY HD2  H N N 243 
DLY HD3  H N N 244 
DLY HE2  H N N 245 
DLY HE3  H N N 246 
DLY HZ1  H N N 247 
DLY HZ2  H N N 248 
DLY HXT  H N N 249 
DPR N    N N N 250 
DPR CA   C N R 251 
DPR CB   C N N 252 
DPR CG   C N N 253 
DPR CD   C N N 254 
DPR C    C N N 255 
DPR O    O N N 256 
DPR OXT  O N N 257 
DPR H    H N N 258 
DPR HA   H N N 259 
DPR HB2  H N N 260 
DPR HB3  H N N 261 
DPR HG2  H N N 262 
DPR HG3  H N N 263 
DPR HD2  H N N 264 
DPR HD3  H N N 265 
DPR HXT  H N N 266 
DTR N    N N N 267 
DTR CA   C N R 268 
DTR CB   C N N 269 
DTR CG   C Y N 270 
DTR CD1  C Y N 271 
DTR NE1  N Y N 272 
DTR CE2  C Y N 273 
DTR CZ2  C Y N 274 
DTR CH2  C Y N 275 
DTR CZ3  C Y N 276 
DTR CE3  C Y N 277 
DTR CD2  C Y N 278 
DTR C    C N N 279 
DTR O    O N N 280 
DTR OXT  O N N 281 
DTR H    H N N 282 
DTR H2   H N N 283 
DTR HA   H N N 284 
DTR HB2  H N N 285 
DTR HB3  H N N 286 
DTR HD1  H N N 287 
DTR HE1  H N N 288 
DTR HZ2  H N N 289 
DTR HH2  H N N 290 
DTR HZ3  H N N 291 
DTR HE3  H N N 292 
DTR HXT  H N N 293 
DTY N    N N N 294 
DTY CA   C N R 295 
DTY C    C N N 296 
DTY O    O N N 297 
DTY CB   C N N 298 
DTY CG   C Y N 299 
DTY CD1  C Y N 300 
DTY CD2  C Y N 301 
DTY CE1  C Y N 302 
DTY CE2  C Y N 303 
DTY CZ   C Y N 304 
DTY OH   O N N 305 
DTY OXT  O N N 306 
DTY H    H N N 307 
DTY H2   H N N 308 
DTY HA   H N N 309 
DTY HB2  H N N 310 
DTY HB3  H N N 311 
DTY HD1  H N N 312 
DTY HD2  H N N 313 
DTY HE1  H N N 314 
DTY HE2  H N N 315 
DTY HH   H N N 316 
DTY HXT  H N N 317 
GLN N    N N N 318 
GLN CA   C N S 319 
GLN C    C N N 320 
GLN O    O N N 321 
GLN CB   C N N 322 
GLN CG   C N N 323 
GLN CD   C N N 324 
GLN OE1  O N N 325 
GLN NE2  N N N 326 
GLN OXT  O N N 327 
GLN H    H N N 328 
GLN H2   H N N 329 
GLN HA   H N N 330 
GLN HB2  H N N 331 
GLN HB3  H N N 332 
GLN HG2  H N N 333 
GLN HG3  H N N 334 
GLN HE21 H N N 335 
GLN HE22 H N N 336 
GLN HXT  H N N 337 
GLU N    N N N 338 
GLU CA   C N S 339 
GLU C    C N N 340 
GLU O    O N N 341 
GLU CB   C N N 342 
GLU CG   C N N 343 
GLU CD   C N N 344 
GLU OE1  O N N 345 
GLU OE2  O N N 346 
GLU OXT  O N N 347 
GLU H    H N N 348 
GLU H2   H N N 349 
GLU HA   H N N 350 
GLU HB2  H N N 351 
GLU HB3  H N N 352 
GLU HG2  H N N 353 
GLU HG3  H N N 354 
GLU HE2  H N N 355 
GLU HXT  H N N 356 
GLY N    N N N 357 
GLY CA   C N N 358 
GLY C    C N N 359 
GLY O    O N N 360 
GLY OXT  O N N 361 
GLY H    H N N 362 
GLY H2   H N N 363 
GLY HA2  H N N 364 
GLY HA3  H N N 365 
GLY HXT  H N N 366 
HOH O    O N N 367 
HOH H1   H N N 368 
HOH H2   H N N 369 
ILE N    N N N 370 
ILE CA   C N S 371 
ILE C    C N N 372 
ILE O    O N N 373 
ILE CB   C N S 374 
ILE CG1  C N N 375 
ILE CG2  C N N 376 
ILE CD1  C N N 377 
ILE OXT  O N N 378 
ILE H    H N N 379 
ILE H2   H N N 380 
ILE HA   H N N 381 
ILE HB   H N N 382 
ILE HG12 H N N 383 
ILE HG13 H N N 384 
ILE HG21 H N N 385 
ILE HG22 H N N 386 
ILE HG23 H N N 387 
ILE HD11 H N N 388 
ILE HD12 H N N 389 
ILE HD13 H N N 390 
ILE HXT  H N N 391 
LEU N    N N N 392 
LEU CA   C N S 393 
LEU C    C N N 394 
LEU O    O N N 395 
LEU CB   C N N 396 
LEU CG   C N N 397 
LEU CD1  C N N 398 
LEU CD2  C N N 399 
LEU OXT  O N N 400 
LEU H    H N N 401 
LEU H2   H N N 402 
LEU HA   H N N 403 
LEU HB2  H N N 404 
LEU HB3  H N N 405 
LEU HG   H N N 406 
LEU HD11 H N N 407 
LEU HD12 H N N 408 
LEU HD13 H N N 409 
LEU HD21 H N N 410 
LEU HD22 H N N 411 
LEU HD23 H N N 412 
LEU HXT  H N N 413 
LYS N    N N N 414 
LYS CA   C N S 415 
LYS C    C N N 416 
LYS O    O N N 417 
LYS CB   C N N 418 
LYS CG   C N N 419 
LYS CD   C N N 420 
LYS CE   C N N 421 
LYS NZ   N N N 422 
LYS OXT  O N N 423 
LYS H    H N N 424 
LYS H2   H N N 425 
LYS HA   H N N 426 
LYS HB2  H N N 427 
LYS HB3  H N N 428 
LYS HG2  H N N 429 
LYS HG3  H N N 430 
LYS HD2  H N N 431 
LYS HD3  H N N 432 
LYS HE2  H N N 433 
LYS HE3  H N N 434 
LYS HZ1  H N N 435 
LYS HZ2  H N N 436 
LYS HZ3  H N N 437 
LYS HXT  H N N 438 
MET N    N N N 439 
MET CA   C N S 440 
MET C    C N N 441 
MET O    O N N 442 
MET CB   C N N 443 
MET CG   C N N 444 
MET SD   S N N 445 
MET CE   C N N 446 
MET OXT  O N N 447 
MET H    H N N 448 
MET H2   H N N 449 
MET HA   H N N 450 
MET HB2  H N N 451 
MET HB3  H N N 452 
MET HG2  H N N 453 
MET HG3  H N N 454 
MET HE1  H N N 455 
MET HE2  H N N 456 
MET HE3  H N N 457 
MET HXT  H N N 458 
NH2 N    N N N 459 
NH2 HN1  H N N 460 
NH2 HN2  H N N 461 
SER N    N N N 462 
SER CA   C N S 463 
SER C    C N N 464 
SER O    O N N 465 
SER CB   C N N 466 
SER OG   O N N 467 
SER OXT  O N N 468 
SER H    H N N 469 
SER H2   H N N 470 
SER HA   H N N 471 
SER HB2  H N N 472 
SER HB3  H N N 473 
SER HG   H N N 474 
SER HXT  H N N 475 
THR N    N N N 476 
THR CA   C N S 477 
THR C    C N N 478 
THR O    O N N 479 
THR CB   C N R 480 
THR OG1  O N N 481 
THR CG2  C N N 482 
THR OXT  O N N 483 
THR H    H N N 484 
THR H2   H N N 485 
THR HA   H N N 486 
THR HB   H N N 487 
THR HG1  H N N 488 
THR HG21 H N N 489 
THR HG22 H N N 490 
THR HG23 H N N 491 
THR HXT  H N N 492 
TRP N    N N N 493 
TRP CA   C N S 494 
TRP C    C N N 495 
TRP O    O N N 496 
TRP CB   C N N 497 
TRP CG   C Y N 498 
TRP CD1  C Y N 499 
TRP CD2  C Y N 500 
TRP NE1  N Y N 501 
TRP CE2  C Y N 502 
TRP CE3  C Y N 503 
TRP CZ2  C Y N 504 
TRP CZ3  C Y N 505 
TRP CH2  C Y N 506 
TRP OXT  O N N 507 
TRP H    H N N 508 
TRP H2   H N N 509 
TRP HA   H N N 510 
TRP HB2  H N N 511 
TRP HB3  H N N 512 
TRP HD1  H N N 513 
TRP HE1  H N N 514 
TRP HE3  H N N 515 
TRP HZ2  H N N 516 
TRP HZ3  H N N 517 
TRP HH2  H N N 518 
TRP HXT  H N N 519 
VAL N    N N N 520 
VAL CA   C N S 521 
VAL C    C N N 522 
VAL O    O N N 523 
VAL CB   C N N 524 
VAL CG1  C N N 525 
VAL CG2  C N N 526 
VAL OXT  O N N 527 
VAL H    H N N 528 
VAL H2   H N N 529 
VAL HA   H N N 530 
VAL HB   H N N 531 
VAL HG11 H N N 532 
VAL HG12 H N N 533 
VAL HG13 H N N 534 
VAL HG21 H N N 535 
VAL HG22 H N N 536 
VAL HG23 H N N 537 
VAL HXT  H N N 538 
# 
loop_
_chem_comp_bond.comp_id 
_chem_comp_bond.atom_id_1 
_chem_comp_bond.atom_id_2 
_chem_comp_bond.value_order 
_chem_comp_bond.pdbx_aromatic_flag 
_chem_comp_bond.pdbx_stereo_config 
_chem_comp_bond.pdbx_ordinal 
ACE C   O    doub N N 1   
ACE C   CH3  sing N N 2   
ACE C   H    sing N N 3   
ACE CH3 H1   sing N N 4   
ACE CH3 H2   sing N N 5   
ACE CH3 H3   sing N N 6   
ALA N   CA   sing N N 7   
ALA N   H    sing N N 8   
ALA N   H2   sing N N 9   
ALA CA  C    sing N N 10  
ALA CA  CB   sing N N 11  
ALA CA  HA   sing N N 12  
ALA C   O    doub N N 13  
ALA C   OXT  sing N N 14  
ALA CB  HB1  sing N N 15  
ALA CB  HB2  sing N N 16  
ALA CB  HB3  sing N N 17  
ALA OXT HXT  sing N N 18  
ARG N   CA   sing N N 19  
ARG N   H    sing N N 20  
ARG N   H2   sing N N 21  
ARG CA  C    sing N N 22  
ARG CA  CB   sing N N 23  
ARG CA  HA   sing N N 24  
ARG C   O    doub N N 25  
ARG C   OXT  sing N N 26  
ARG CB  CG   sing N N 27  
ARG CB  HB2  sing N N 28  
ARG CB  HB3  sing N N 29  
ARG CG  CD   sing N N 30  
ARG CG  HG2  sing N N 31  
ARG CG  HG3  sing N N 32  
ARG CD  NE   sing N N 33  
ARG CD  HD2  sing N N 34  
ARG CD  HD3  sing N N 35  
ARG NE  CZ   sing N N 36  
ARG NE  HE   sing N N 37  
ARG CZ  NH1  sing N N 38  
ARG CZ  NH2  doub N N 39  
ARG NH1 HH11 sing N N 40  
ARG NH1 HH12 sing N N 41  
ARG NH2 HH21 sing N N 42  
ARG NH2 HH22 sing N N 43  
ARG OXT HXT  sing N N 44  
ASN N   CA   sing N N 45  
ASN N   H    sing N N 46  
ASN N   H2   sing N N 47  
ASN CA  C    sing N N 48  
ASN CA  CB   sing N N 49  
ASN CA  HA   sing N N 50  
ASN C   O    doub N N 51  
ASN C   OXT  sing N N 52  
ASN CB  CG   sing N N 53  
ASN CB  HB2  sing N N 54  
ASN CB  HB3  sing N N 55  
ASN CG  OD1  doub N N 56  
ASN CG  ND2  sing N N 57  
ASN ND2 HD21 sing N N 58  
ASN ND2 HD22 sing N N 59  
ASN OXT HXT  sing N N 60  
ASP N   CA   sing N N 61  
ASP N   H    sing N N 62  
ASP N   H2   sing N N 63  
ASP CA  C    sing N N 64  
ASP CA  CB   sing N N 65  
ASP CA  HA   sing N N 66  
ASP C   O    doub N N 67  
ASP C   OXT  sing N N 68  
ASP CB  CG   sing N N 69  
ASP CB  HB2  sing N N 70  
ASP CB  HB3  sing N N 71  
ASP CG  OD1  doub N N 72  
ASP CG  OD2  sing N N 73  
ASP OD2 HD2  sing N N 74  
ASP OXT HXT  sing N N 75  
CXS S   O1   doub N N 76  
CXS S   O2   doub N N 77  
CXS S   O3   sing N N 78  
CXS S   C1   sing N N 79  
CXS O3  HO3  sing N N 80  
CXS C1  C2   sing N N 81  
CXS C1  H11  sing N N 82  
CXS C1  H12  sing N N 83  
CXS C2  C3   sing N N 84  
CXS C2  H21  sing N N 85  
CXS C2  H22  sing N N 86  
CXS C3  N    sing N N 87  
CXS C3  H31  sing N N 88  
CXS C3  H32  sing N N 89  
CXS N   C4   sing N N 90  
CXS N   HN   sing N N 91  
CXS C4  C5   sing N N 92  
CXS C4  C9   sing N N 93  
CXS C4  H4   sing N N 94  
CXS C5  C6   sing N N 95  
CXS C5  H51  sing N N 96  
CXS C5  H52  sing N N 97  
CXS C6  C7   sing N N 98  
CXS C6  H61  sing N N 99  
CXS C6  H62  sing N N 100 
CXS C7  C8   sing N N 101 
CXS C7  H71  sing N N 102 
CXS C7  H72  sing N N 103 
CXS C8  C9   sing N N 104 
CXS C8  H81  sing N N 105 
CXS C8  H82  sing N N 106 
CXS C9  H91  sing N N 107 
CXS C9  H92  sing N N 108 
DAS N   CA   sing N N 109 
DAS N   H    sing N N 110 
DAS N   H2   sing N N 111 
DAS CA  C    sing N N 112 
DAS CA  CB   sing N N 113 
DAS CA  HA   sing N N 114 
DAS C   O    doub N N 115 
DAS C   OXT  sing N N 116 
DAS CB  CG   sing N N 117 
DAS CB  HB2  sing N N 118 
DAS CB  HB3  sing N N 119 
DAS CG  OD1  doub N N 120 
DAS CG  OD2  sing N N 121 
DAS OD2 HD2  sing N N 122 
DAS OXT HXT  sing N N 123 
DCY N   CA   sing N N 124 
DCY N   H    sing N N 125 
DCY N   H2   sing N N 126 
DCY CA  C    sing N N 127 
DCY CA  CB   sing N N 128 
DCY CA  HA   sing N N 129 
DCY C   O    doub N N 130 
DCY C   OXT  sing N N 131 
DCY CB  SG   sing N N 132 
DCY CB  HB2  sing N N 133 
DCY CB  HB3  sing N N 134 
DCY SG  HG   sing N N 135 
DCY OXT HXT  sing N N 136 
DGL N   CA   sing N N 137 
DGL N   H    sing N N 138 
DGL N   H2   sing N N 139 
DGL CA  C    sing N N 140 
DGL CA  CB   sing N N 141 
DGL CA  HA   sing N N 142 
DGL C   O    doub N N 143 
DGL C   OXT  sing N N 144 
DGL CB  CG   sing N N 145 
DGL CB  HB2  sing N N 146 
DGL CB  HB3  sing N N 147 
DGL CG  CD   sing N N 148 
DGL CG  HG2  sing N N 149 
DGL CG  HG3  sing N N 150 
DGL CD  OE1  doub N N 151 
DGL CD  OE2  sing N N 152 
DGL OE2 HE2  sing N N 153 
DGL OXT HXT  sing N N 154 
DGN N   CA   sing N N 155 
DGN N   H    sing N N 156 
DGN N   H2   sing N N 157 
DGN CA  C    sing N N 158 
DGN CA  CB   sing N N 159 
DGN CA  HA   sing N N 160 
DGN C   O    doub N N 161 
DGN C   OXT  sing N N 162 
DGN OXT HXT  sing N N 163 
DGN CB  CG   sing N N 164 
DGN CB  HB2  sing N N 165 
DGN CB  HB3  sing N N 166 
DGN CG  CD   sing N N 167 
DGN CG  HG2  sing N N 168 
DGN CG  HG3  sing N N 169 
DGN CD  OE1  doub N N 170 
DGN CD  NE2  sing N N 171 
DGN NE2 HE21 sing N N 172 
DGN NE2 HE22 sing N N 173 
DHI N   CA   sing N N 174 
DHI N   H    sing N N 175 
DHI N   H2   sing N N 176 
DHI CA  C    sing N N 177 
DHI CA  CB   sing N N 178 
DHI CA  HA   sing N N 179 
DHI C   O    doub N N 180 
DHI C   OXT  sing N N 181 
DHI CB  CG   sing N N 182 
DHI CB  HB2  sing N N 183 
DHI CB  HB3  sing N N 184 
DHI CG  ND1  sing Y N 185 
DHI CG  CD2  doub Y N 186 
DHI ND1 CE1  doub Y N 187 
DHI ND1 HD1  sing N N 188 
DHI CD2 NE2  sing Y N 189 
DHI CD2 HD2  sing N N 190 
DHI CE1 NE2  sing Y N 191 
DHI CE1 HE1  sing N N 192 
DHI NE2 HE2  sing N N 193 
DHI OXT HXT  sing N N 194 
DLE N   CA   sing N N 195 
DLE N   H    sing N N 196 
DLE N   H2   sing N N 197 
DLE CA  CB   sing N N 198 
DLE CA  C    sing N N 199 
DLE CA  HA   sing N N 200 
DLE CB  CG   sing N N 201 
DLE CB  HB2  sing N N 202 
DLE CB  HB3  sing N N 203 
DLE CG  CD1  sing N N 204 
DLE CG  CD2  sing N N 205 
DLE CG  HG   sing N N 206 
DLE CD1 HD11 sing N N 207 
DLE CD1 HD12 sing N N 208 
DLE CD1 HD13 sing N N 209 
DLE CD2 HD21 sing N N 210 
DLE CD2 HD22 sing N N 211 
DLE CD2 HD23 sing N N 212 
DLE C   O    doub N N 213 
DLE C   OXT  sing N N 214 
DLE OXT HXT  sing N N 215 
DLY N   CA   sing N N 216 
DLY N   H    sing N N 217 
DLY N   H2   sing N N 218 
DLY CA  C    sing N N 219 
DLY CA  CB   sing N N 220 
DLY CA  HA   sing N N 221 
DLY C   O    doub N N 222 
DLY C   OXT  sing N N 223 
DLY CB  CG   sing N N 224 
DLY CB  HB2  sing N N 225 
DLY CB  HB3  sing N N 226 
DLY CG  CD   sing N N 227 
DLY CG  HG2  sing N N 228 
DLY CG  HG3  sing N N 229 
DLY CD  CE   sing N N 230 
DLY CD  HD2  sing N N 231 
DLY CD  HD3  sing N N 232 
DLY CE  NZ   sing N N 233 
DLY CE  HE2  sing N N 234 
DLY CE  HE3  sing N N 235 
DLY NZ  HZ1  sing N N 236 
DLY NZ  HZ2  sing N N 237 
DLY OXT HXT  sing N N 238 
DPR N   CA   sing N N 239 
DPR N   CD   sing N N 240 
DPR N   H    sing N N 241 
DPR CA  CB   sing N N 242 
DPR CA  C    sing N N 243 
DPR CA  HA   sing N N 244 
DPR CB  CG   sing N N 245 
DPR CB  HB2  sing N N 246 
DPR CB  HB3  sing N N 247 
DPR CG  CD   sing N N 248 
DPR CG  HG2  sing N N 249 
DPR CG  HG3  sing N N 250 
DPR CD  HD2  sing N N 251 
DPR CD  HD3  sing N N 252 
DPR C   O    doub N N 253 
DPR C   OXT  sing N N 254 
DPR OXT HXT  sing N N 255 
DTR N   CA   sing N N 256 
DTR N   H    sing N N 257 
DTR N   H2   sing N N 258 
DTR CA  CB   sing N N 259 
DTR CA  C    sing N N 260 
DTR CA  HA   sing N N 261 
DTR CB  CG   sing N N 262 
DTR CB  HB2  sing N N 263 
DTR CB  HB3  sing N N 264 
DTR CG  CD1  doub Y N 265 
DTR CG  CD2  sing Y N 266 
DTR CD1 NE1  sing Y N 267 
DTR CD1 HD1  sing N N 268 
DTR NE1 CE2  sing Y N 269 
DTR NE1 HE1  sing N N 270 
DTR CE2 CZ2  doub Y N 271 
DTR CE2 CD2  sing Y N 272 
DTR CZ2 CH2  sing Y N 273 
DTR CZ2 HZ2  sing N N 274 
DTR CH2 CZ3  doub Y N 275 
DTR CH2 HH2  sing N N 276 
DTR CZ3 CE3  sing Y N 277 
DTR CZ3 HZ3  sing N N 278 
DTR CE3 CD2  doub Y N 279 
DTR CE3 HE3  sing N N 280 
DTR C   O    doub N N 281 
DTR C   OXT  sing N N 282 
DTR OXT HXT  sing N N 283 
DTY N   CA   sing N N 284 
DTY N   H    sing N N 285 
DTY N   H2   sing N N 286 
DTY CA  C    sing N N 287 
DTY CA  CB   sing N N 288 
DTY CA  HA   sing N N 289 
DTY C   O    doub N N 290 
DTY C   OXT  sing N N 291 
DTY CB  CG   sing N N 292 
DTY CB  HB2  sing N N 293 
DTY CB  HB3  sing N N 294 
DTY CG  CD1  doub Y N 295 
DTY CG  CD2  sing Y N 296 
DTY CD1 CE1  sing Y N 297 
DTY CD1 HD1  sing N N 298 
DTY CD2 CE2  doub Y N 299 
DTY CD2 HD2  sing N N 300 
DTY CE1 CZ   doub Y N 301 
DTY CE1 HE1  sing N N 302 
DTY CE2 CZ   sing Y N 303 
DTY CE2 HE2  sing N N 304 
DTY CZ  OH   sing N N 305 
DTY OH  HH   sing N N 306 
DTY OXT HXT  sing N N 307 
GLN N   CA   sing N N 308 
GLN N   H    sing N N 309 
GLN N   H2   sing N N 310 
GLN CA  C    sing N N 311 
GLN CA  CB   sing N N 312 
GLN CA  HA   sing N N 313 
GLN C   O    doub N N 314 
GLN C   OXT  sing N N 315 
GLN CB  CG   sing N N 316 
GLN CB  HB2  sing N N 317 
GLN CB  HB3  sing N N 318 
GLN CG  CD   sing N N 319 
GLN CG  HG2  sing N N 320 
GLN CG  HG3  sing N N 321 
GLN CD  OE1  doub N N 322 
GLN CD  NE2  sing N N 323 
GLN NE2 HE21 sing N N 324 
GLN NE2 HE22 sing N N 325 
GLN OXT HXT  sing N N 326 
GLU N   CA   sing N N 327 
GLU N   H    sing N N 328 
GLU N   H2   sing N N 329 
GLU CA  C    sing N N 330 
GLU CA  CB   sing N N 331 
GLU CA  HA   sing N N 332 
GLU C   O    doub N N 333 
GLU C   OXT  sing N N 334 
GLU CB  CG   sing N N 335 
GLU CB  HB2  sing N N 336 
GLU CB  HB3  sing N N 337 
GLU CG  CD   sing N N 338 
GLU CG  HG2  sing N N 339 
GLU CG  HG3  sing N N 340 
GLU CD  OE1  doub N N 341 
GLU CD  OE2  sing N N 342 
GLU OE2 HE2  sing N N 343 
GLU OXT HXT  sing N N 344 
GLY N   CA   sing N N 345 
GLY N   H    sing N N 346 
GLY N   H2   sing N N 347 
GLY CA  C    sing N N 348 
GLY CA  HA2  sing N N 349 
GLY CA  HA3  sing N N 350 
GLY C   O    doub N N 351 
GLY C   OXT  sing N N 352 
GLY OXT HXT  sing N N 353 
HOH O   H1   sing N N 354 
HOH O   H2   sing N N 355 
ILE N   CA   sing N N 356 
ILE N   H    sing N N 357 
ILE N   H2   sing N N 358 
ILE CA  C    sing N N 359 
ILE CA  CB   sing N N 360 
ILE CA  HA   sing N N 361 
ILE C   O    doub N N 362 
ILE C   OXT  sing N N 363 
ILE CB  CG1  sing N N 364 
ILE CB  CG2  sing N N 365 
ILE CB  HB   sing N N 366 
ILE CG1 CD1  sing N N 367 
ILE CG1 HG12 sing N N 368 
ILE CG1 HG13 sing N N 369 
ILE CG2 HG21 sing N N 370 
ILE CG2 HG22 sing N N 371 
ILE CG2 HG23 sing N N 372 
ILE CD1 HD11 sing N N 373 
ILE CD1 HD12 sing N N 374 
ILE CD1 HD13 sing N N 375 
ILE OXT HXT  sing N N 376 
LEU N   CA   sing N N 377 
LEU N   H    sing N N 378 
LEU N   H2   sing N N 379 
LEU CA  C    sing N N 380 
LEU CA  CB   sing N N 381 
LEU CA  HA   sing N N 382 
LEU C   O    doub N N 383 
LEU C   OXT  sing N N 384 
LEU CB  CG   sing N N 385 
LEU CB  HB2  sing N N 386 
LEU CB  HB3  sing N N 387 
LEU CG  CD1  sing N N 388 
LEU CG  CD2  sing N N 389 
LEU CG  HG   sing N N 390 
LEU CD1 HD11 sing N N 391 
LEU CD1 HD12 sing N N 392 
LEU CD1 HD13 sing N N 393 
LEU CD2 HD21 sing N N 394 
LEU CD2 HD22 sing N N 395 
LEU CD2 HD23 sing N N 396 
LEU OXT HXT  sing N N 397 
LYS N   CA   sing N N 398 
LYS N   H    sing N N 399 
LYS N   H2   sing N N 400 
LYS CA  C    sing N N 401 
LYS CA  CB   sing N N 402 
LYS CA  HA   sing N N 403 
LYS C   O    doub N N 404 
LYS C   OXT  sing N N 405 
LYS CB  CG   sing N N 406 
LYS CB  HB2  sing N N 407 
LYS CB  HB3  sing N N 408 
LYS CG  CD   sing N N 409 
LYS CG  HG2  sing N N 410 
LYS CG  HG3  sing N N 411 
LYS CD  CE   sing N N 412 
LYS CD  HD2  sing N N 413 
LYS CD  HD3  sing N N 414 
LYS CE  NZ   sing N N 415 
LYS CE  HE2  sing N N 416 
LYS CE  HE3  sing N N 417 
LYS NZ  HZ1  sing N N 418 
LYS NZ  HZ2  sing N N 419 
LYS NZ  HZ3  sing N N 420 
LYS OXT HXT  sing N N 421 
MET N   CA   sing N N 422 
MET N   H    sing N N 423 
MET N   H2   sing N N 424 
MET CA  C    sing N N 425 
MET CA  CB   sing N N 426 
MET CA  HA   sing N N 427 
MET C   O    doub N N 428 
MET C   OXT  sing N N 429 
MET CB  CG   sing N N 430 
MET CB  HB2  sing N N 431 
MET CB  HB3  sing N N 432 
MET CG  SD   sing N N 433 
MET CG  HG2  sing N N 434 
MET CG  HG3  sing N N 435 
MET SD  CE   sing N N 436 
MET CE  HE1  sing N N 437 
MET CE  HE2  sing N N 438 
MET CE  HE3  sing N N 439 
MET OXT HXT  sing N N 440 
NH2 N   HN1  sing N N 441 
NH2 N   HN2  sing N N 442 
SER N   CA   sing N N 443 
SER N   H    sing N N 444 
SER N   H2   sing N N 445 
SER CA  C    sing N N 446 
SER CA  CB   sing N N 447 
SER CA  HA   sing N N 448 
SER C   O    doub N N 449 
SER C   OXT  sing N N 450 
SER CB  OG   sing N N 451 
SER CB  HB2  sing N N 452 
SER CB  HB3  sing N N 453 
SER OG  HG   sing N N 454 
SER OXT HXT  sing N N 455 
THR N   CA   sing N N 456 
THR N   H    sing N N 457 
THR N   H2   sing N N 458 
THR CA  C    sing N N 459 
THR CA  CB   sing N N 460 
THR CA  HA   sing N N 461 
THR C   O    doub N N 462 
THR C   OXT  sing N N 463 
THR CB  OG1  sing N N 464 
THR CB  CG2  sing N N 465 
THR CB  HB   sing N N 466 
THR OG1 HG1  sing N N 467 
THR CG2 HG21 sing N N 468 
THR CG2 HG22 sing N N 469 
THR CG2 HG23 sing N N 470 
THR OXT HXT  sing N N 471 
TRP N   CA   sing N N 472 
TRP N   H    sing N N 473 
TRP N   H2   sing N N 474 
TRP CA  C    sing N N 475 
TRP CA  CB   sing N N 476 
TRP CA  HA   sing N N 477 
TRP C   O    doub N N 478 
TRP C   OXT  sing N N 479 
TRP CB  CG   sing N N 480 
TRP CB  HB2  sing N N 481 
TRP CB  HB3  sing N N 482 
TRP CG  CD1  doub Y N 483 
TRP CG  CD2  sing Y N 484 
TRP CD1 NE1  sing Y N 485 
TRP CD1 HD1  sing N N 486 
TRP CD2 CE2  doub Y N 487 
TRP CD2 CE3  sing Y N 488 
TRP NE1 CE2  sing Y N 489 
TRP NE1 HE1  sing N N 490 
TRP CE2 CZ2  sing Y N 491 
TRP CE3 CZ3  doub Y N 492 
TRP CE3 HE3  sing N N 493 
TRP CZ2 CH2  doub Y N 494 
TRP CZ2 HZ2  sing N N 495 
TRP CZ3 CH2  sing Y N 496 
TRP CZ3 HZ3  sing N N 497 
TRP CH2 HH2  sing N N 498 
TRP OXT HXT  sing N N 499 
VAL N   CA   sing N N 500 
VAL N   H    sing N N 501 
VAL N   H2   sing N N 502 
VAL CA  C    sing N N 503 
VAL CA  CB   sing N N 504 
VAL CA  HA   sing N N 505 
VAL C   O    doub N N 506 
VAL C   OXT  sing N N 507 
VAL CB  CG1  sing N N 508 
VAL CB  CG2  sing N N 509 
VAL CB  HB   sing N N 510 
VAL CG1 HG11 sing N N 511 
VAL CG1 HG12 sing N N 512 
VAL CG1 HG13 sing N N 513 
VAL CG2 HG21 sing N N 514 
VAL CG2 HG22 sing N N 515 
VAL CG2 HG23 sing N N 516 
VAL OXT HXT  sing N N 517 
# 
_atom_sites.entry_id                    3L36 
_atom_sites.fract_transf_matrix[1][1]   0.01932175 
_atom_sites.fract_transf_matrix[1][2]   -0.00901690 
_atom_sites.fract_transf_matrix[1][3]   0.01827715 
_atom_sites.fract_transf_matrix[2][1]   -0.00635492 
_atom_sites.fract_transf_matrix[2][2]   -0.00206156 
_atom_sites.fract_transf_matrix[2][3]   0.02727673 
_atom_sites.fract_transf_matrix[3][1]   -0.00373087 
_atom_sites.fract_transf_matrix[3][2]   -0.01152164 
_atom_sites.fract_transf_matrix[3][3]   -0.00174001 
_atom_sites.fract_transf_vector[1]      0.126153 
_atom_sites.fract_transf_vector[2]      -0.426023 
_atom_sites.fract_transf_vector[3]      0.312519 
# 
loop_
_atom_type.symbol 
C 
N 
O 
S 
# 
loop_
_atom_site.group_PDB 
_atom_site.id 
_atom_site.type_symbol 
_atom_site.label_atom_id 
_atom_site.label_alt_id 
_atom_site.label_comp_id 
_atom_site.label_asym_id 
_atom_site.label_entity_id 
_atom_site.label_seq_id 
_atom_site.pdbx_PDB_ins_code 
_atom_site.Cartn_x 
_atom_site.Cartn_y 
_atom_site.Cartn_z 
_atom_site.occupancy 
_atom_site.B_iso_or_equiv 
_atom_site.pdbx_formal_charge 
_atom_site.auth_seq_id 
_atom_site.auth_comp_id 
_atom_site.auth_asym_id 
_atom_site.auth_atom_id 
_atom_site.pdbx_PDB_model_num 
HETATM 1   C C   . ACE A 1 1  ? -14.205 -35.437 1.408   1.00 28.28 ? 0  ACE A C   1 
HETATM 2   O O   . ACE A 1 1  ? -14.084 -34.229 1.391   1.00 27.61 ? 0  ACE A O   1 
HETATM 3   C CH3 . ACE A 1 1  ? -15.517 -36.057 1.025   1.00 28.31 ? 0  ACE A CH3 1 
ATOM   4   N N   . ARG A 1 2  ? -13.159 -36.245 1.497   1.00 27.74 ? 1  ARG A N   1 
ATOM   5   C CA  . ARG A 1 2  ? -11.827 -35.783 1.875   1.00 28.40 ? 1  ARG A CA  1 
ATOM   6   C C   . ARG A 1 2  ? -11.189 -34.927 0.787   1.00 27.93 ? 1  ARG A C   1 
ATOM   7   O O   . ARG A 1 2  ? -10.569 -33.892 1.088   1.00 27.33 ? 1  ARG A O   1 
ATOM   8   C CB  . ARG A 1 2  ? -10.938 -36.963 2.272   1.00 28.53 ? 1  ARG A CB  1 
ATOM   9   C CG  . ARG A 1 2  ? -11.391 -37.621 3.575   1.00 29.45 ? 1  ARG A CG  1 
ATOM   10  C CD  . ARG A 1 2  ? -10.539 -38.826 3.921   1.00 31.31 ? 1  ARG A CD  1 
ATOM   11  N NE  . ARG A 1 2  ? -10.814 -40.000 3.093   1.00 31.93 ? 1  ARG A NE  1 
ATOM   12  C CZ  . ARG A 1 2  ? -9.969  -40.528 2.208   1.00 32.13 ? 1  ARG A CZ  1 
ATOM   13  N NH1 . ARG A 1 2  ? -10.308 -41.614 1.521   1.00 33.51 ? 1  ARG A NH1 1 
ATOM   14  N NH2 . ARG A 1 2  ? -8.775  -39.979 1.994   1.00 34.12 ? 1  ARG A NH2 1 
ATOM   15  N N   . MET A 1 3  ? -11.347 -35.319 -0.474  1.00 27.88 ? 2  MET A N   1 
ATOM   16  C CA  . MET A 1 3  ? -10.818 -34.531 -1.588  1.00 28.72 ? 2  MET A CA  1 
ATOM   17  C C   . MET A 1 3  ? -11.435 -33.139 -1.595  1.00 28.13 ? 2  MET A C   1 
ATOM   18  O O   . MET A 1 3  ? -10.735 -32.124 -1.752  1.00 27.17 ? 2  MET A O   1 
ATOM   19  C CB  . MET A 1 3  ? -11.068 -35.230 -2.925  1.00 29.64 ? 2  MET A CB  1 
ATOM   20  C CG  . MET A 1 3  ? -10.231 -36.473 -3.158  1.00 32.74 ? 2  MET A CG  1 
ATOM   21  S SD  . MET A 1 3  ? -8.471  -36.155 -2.963  1.00 38.79 ? 2  MET A SD  1 
ATOM   22  C CE  . MET A 1 3  ? -8.292  -34.743 -4.053  1.00 37.15 ? 2  MET A CE  1 
ATOM   23  N N   . LYS A 1 4  ? -12.745 -33.091 -1.401  1.00 27.66 ? 3  LYS A N   1 
ATOM   24  C CA  . LYS A 1 4  ? -13.464 -31.825 -1.356  1.00 28.55 ? 3  LYS A CA  1 
ATOM   25  C C   . LYS A 1 4  ? -13.001 -30.977 -0.159  1.00 28.52 ? 3  LYS A C   1 
ATOM   26  O O   . LYS A 1 4  ? -12.843 -29.766 -0.297  1.00 26.89 ? 3  LYS A O   1 
ATOM   27  C CB  . LYS A 1 4  ? -14.986 -32.079 -1.346  1.00 28.95 ? 3  LYS A CB  1 
ATOM   28  C CG  . LYS A 1 4  ? -15.863 -30.833 -1.532  1.00 31.71 ? 3  LYS A CG  1 
ATOM   29  C CD  . LYS A 1 4  ? -15.547 -30.123 -2.851  1.00 37.05 ? 3  LYS A CD  1 
ATOM   30  C CE  . LYS A 1 4  ? -16.617 -29.122 -3.249  1.00 39.51 ? 3  LYS A CE  1 
ATOM   31  N NZ  . LYS A 1 4  ? -16.785 -28.035 -2.248  1.00 41.37 ? 3  LYS A NZ  1 
ATOM   32  N N   . GLN A 1 5  ? -12.764 -31.595 0.999   1.00 28.16 ? 4  GLN A N   1 
ATOM   33  C CA  . GLN A 1 5  ? -12.262 -30.845 2.168   1.00 29.77 ? 4  GLN A CA  1 
ATOM   34  C C   . GLN A 1 5  ? -10.910 -30.209 1.856   1.00 29.49 ? 4  GLN A C   1 
ATOM   35  O O   . GLN A 1 5  ? -10.676 -29.035 2.162   1.00 28.91 ? 4  GLN A O   1 
ATOM   36  C CB  . GLN A 1 5  ? -12.146 -31.753 3.393   1.00 30.35 ? 4  GLN A CB  1 
ATOM   37  C CG  . GLN A 1 5  ? -13.471 -31.996 4.101   1.00 34.18 ? 4  GLN A CG  1 
ATOM   38  C CD  . GLN A 1 5  ? -13.522 -33.330 4.837   1.00 39.48 ? 4  GLN A CD  1 
ATOM   39  O OE1 . GLN A 1 5  ? -12.517 -33.810 5.377   1.00 41.35 ? 4  GLN A OE1 1 
ATOM   40  N NE2 . GLN A 1 5  ? -14.703 -33.944 4.853   1.00 41.18 ? 4  GLN A NE2 1 
ATOM   41  N N   . ILE A 1 6  ? -10.023 -30.985 1.246   1.00 29.13 ? 5  ILE A N   1 
ATOM   42  C CA  . ILE A 1 6  ? -8.714  -30.468 0.845   1.00 28.88 ? 5  ILE A CA  1 
ATOM   43  C C   . ILE A 1 6  ? -8.865  -29.329 -0.164  1.00 29.61 ? 5  ILE A C   1 
ATOM   44  O O   . ILE A 1 6  ? -8.196  -28.296 -0.031  1.00 28.83 ? 5  ILE A O   1 
ATOM   45  C CB  . ILE A 1 6  ? -7.797  -31.600 0.314   1.00 28.97 ? 5  ILE A CB  1 
ATOM   46  C CG1 . ILE A 1 6  ? -7.529  -32.609 1.439   1.00 29.26 ? 5  ILE A CG1 1 
ATOM   47  C CG2 . ILE A 1 6  ? -6.480  -31.024 -0.259  1.00 29.29 ? 5  ILE A CG2 1 
ATOM   48  C CD1 . ILE A 1 6  ? -6.963  -33.964 0.962   1.00 29.85 ? 5  ILE A CD1 1 
ATOM   49  N N   . GLU A 1 7  ? -9.753  -29.499 -1.146  1.00 29.01 ? 6  GLU A N   1 
ATOM   50  C CA  . GLU A 1 7  ? -9.979  -28.465 -2.160  1.00 30.72 ? 6  GLU A CA  1 
ATOM   51  C C   . GLU A 1 7  ? -10.482 -27.184 -1.516  1.00 30.40 ? 6  GLU A C   1 
ATOM   52  O O   . GLU A 1 7  ? -10.045 -26.079 -1.879  1.00 30.19 ? 6  GLU A O   1 
ATOM   53  C CB  . GLU A 1 7  ? -10.951 -28.964 -3.239  1.00 31.73 ? 6  GLU A CB  1 
ATOM   54  C CG  . GLU A 1 7  ? -10.303 -29.984 -4.180  1.00 35.62 ? 6  GLU A CG  1 
ATOM   55  C CD  . GLU A 1 7  ? -11.284 -30.627 -5.144  1.00 39.48 ? 6  GLU A CD  1 
ATOM   56  O OE1 . GLU A 1 7  ? -12.508 -30.381 -5.034  1.00 42.22 ? 6  GLU A OE1 1 
ATOM   57  O OE2 . GLU A 1 7  ? -10.817 -31.382 -6.022  1.00 41.67 ? 6  GLU A OE2 1 
ATOM   58  N N   . ASP A 1 8  ? -11.378 -27.318 -0.546  1.00 30.73 ? 7  ASP A N   1 
ATOM   59  C CA  . ASP A 1 8  ? -11.908 -26.154 0.161   1.00 31.28 ? 7  ASP A CA  1 
ATOM   60  C C   . ASP A 1 8  ? -10.819 -25.463 0.975   1.00 31.53 ? 7  ASP A C   1 
ATOM   61  O O   . ASP A 1 8  ? -10.767 -24.234 1.018   1.00 31.32 ? 7  ASP A O   1 
ATOM   62  C CB  . ASP A 1 8  ? -13.070 -26.550 1.080   1.00 31.77 ? 7  ASP A CB  1 
ATOM   63  C CG  . ASP A 1 8  ? -14.329 -26.929 0.324   1.00 34.31 ? 7  ASP A CG  1 
ATOM   64  O OD1 . ASP A 1 8  ? -15.238 -27.491 0.978   1.00 37.90 ? 7  ASP A OD1 1 
ATOM   65  O OD2 . ASP A 1 8  ? -14.426 -26.674 -0.894  1.00 37.78 ? 7  ASP A OD2 1 
ATOM   66  N N   . LYS A 1 9  ? -9.957  -26.257 1.605   1.00 31.43 ? 8  LYS A N   1 
ATOM   67  C CA  . LYS A 1 9  ? -8.865  -25.748 2.430   1.00 32.27 ? 8  LYS A CA  1 
ATOM   68  C C   . LYS A 1 9  ? -7.901  -24.969 1.544   1.00 32.28 ? 8  LYS A C   1 
ATOM   69  O O   . LYS A 1 9  ? -7.423  -23.893 1.919   1.00 32.28 ? 8  LYS A O   1 
ATOM   70  C CB  . LYS A 1 9  ? -8.126  -26.927 3.077   1.00 32.77 ? 8  LYS A CB  1 
ATOM   71  C CG  . LYS A 1 9  ? -7.551  -26.728 4.476   1.00 36.47 ? 8  LYS A CG  1 
ATOM   72  C CD  . LYS A 1 9  ? -7.238  -25.294 4.838   1.00 39.77 ? 8  LYS A CD  1 
ATOM   73  C CE  . LYS A 1 9  ? -8.225  -24.773 5.865   1.00 42.80 ? 8  LYS A CE  1 
ATOM   74  N NZ  . LYS A 1 9  ? -7.732  -24.901 7.269   1.00 44.17 ? 8  LYS A NZ  1 
ATOM   75  N N   . ILE A 1 10 ? -7.607  -25.513 0.365   1.00 32.27 ? 9  ILE A N   1 
ATOM   76  C CA  . ILE A 1 10 ? -6.697  -24.867 -0.568  1.00 32.57 ? 9  ILE A CA  1 
ATOM   77  C C   . ILE A 1 10 ? -7.265  -23.529 -1.032  1.00 33.09 ? 9  ILE A C   1 
ATOM   78  O O   . ILE A 1 10 ? -6.541  -22.525 -1.057  1.00 33.61 ? 9  ILE A O   1 
ATOM   79  C CB  . ILE A 1 10 ? -6.351  -25.785 -1.742  1.00 32.45 ? 9  ILE A CB  1 
ATOM   80  C CG1 . ILE A 1 10 ? -5.342  -26.834 -1.267  1.00 33.30 ? 9  ILE A CG1 1 
ATOM   81  C CG2 . ILE A 1 10 ? -5.809  -24.979 -2.938  1.00 33.11 ? 9  ILE A CG2 1 
ATOM   82  C CD1 . ILE A 1 10 ? -5.174  -28.006 -2.196  1.00 35.47 ? 9  ILE A CD1 1 
ATOM   83  N N   . GLU A 1 11 ? -8.549  -23.497 -1.370  1.00 33.76 ? 10 GLU A N   1 
ATOM   84  C CA  . GLU A 1 11 ? -9.178  -22.250 -1.788  1.00 34.86 ? 10 GLU A CA  1 
ATOM   85  C C   . GLU A 1 11 ? -9.105  -21.204 -0.678  1.00 34.70 ? 10 GLU A C   1 
ATOM   86  O O   . GLU A 1 11 ? -8.848  -20.033 -0.953  1.00 33.51 ? 10 GLU A O   1 
ATOM   87  C CB  . GLU A 1 11 ? -10.618 -22.481 -2.233  1.00 35.75 ? 10 GLU A CB  1 
ATOM   88  C CG  . GLU A 1 11 ? -11.066 -21.573 -3.391  1.00 38.94 ? 10 GLU A CG  1 
ATOM   89  C CD  . GLU A 1 11 ? -10.773 -22.185 -4.772  1.00 42.74 ? 10 GLU A CD  1 
ATOM   90  O OE1 . GLU A 1 11 ? -9.631  -22.656 -5.001  1.00 45.91 ? 10 GLU A OE1 1 
ATOM   91  O OE2 . GLU A 1 11 ? -11.687 -22.197 -5.635  1.00 47.03 ? 10 GLU A OE2 1 
ATOM   92  N N   . GLU A 1 12 ? -9.303  -21.632 0.567   1.00 34.38 ? 11 GLU A N   1 
ATOM   93  C CA  . GLU A 1 12 ? -9.230  -20.728 1.723   1.00 34.96 ? 11 GLU A CA  1 
ATOM   94  C C   . GLU A 1 12 ? -7.844  -20.105 1.849   1.00 34.63 ? 11 GLU A C   1 
ATOM   95  O O   . GLU A 1 12 ? -7.704  -18.897 2.098   1.00 34.68 ? 11 GLU A O   1 
ATOM   96  C CB  . GLU A 1 12 ? -9.550  -21.488 3.007   1.00 35.42 ? 11 GLU A CB  1 
ATOM   97  C CG  . GLU A 1 12 ? -9.616  -20.615 4.257   1.00 38.77 ? 11 GLU A CG  1 
ATOM   98  C CD  . GLU A 1 12 ? -10.021 -21.392 5.495   1.00 42.68 ? 11 GLU A CD  1 
ATOM   99  O OE1 . GLU A 1 12 ? -10.235 -22.623 5.392   1.00 44.56 ? 11 GLU A OE1 1 
ATOM   100 O OE2 . GLU A 1 12 ? -10.134 -20.771 6.575   1.00 45.68 ? 11 GLU A OE2 1 
ATOM   101 N N   . ILE A 1 13 ? -6.824  -20.940 1.689   1.00 33.83 ? 12 ILE A N   1 
ATOM   102 C CA  . ILE A 1 13 ? -5.442  -20.505 1.817   1.00 33.66 ? 12 ILE A CA  1 
ATOM   103 C C   . ILE A 1 13 ? -5.113  -19.524 0.701   1.00 34.30 ? 12 ILE A C   1 
ATOM   104 O O   . ILE A 1 13 ? -4.505  -18.475 0.951   1.00 33.60 ? 12 ILE A O   1 
ATOM   105 C CB  . ILE A 1 13 ? -4.474  -21.710 1.805   1.00 33.49 ? 12 ILE A CB  1 
ATOM   106 C CG1 . ILE A 1 13 ? -4.553  -22.469 3.134   1.00 32.51 ? 12 ILE A CG1 1 
ATOM   107 C CG2 . ILE A 1 13 ? -3.040  -21.256 1.517   1.00 33.58 ? 12 ILE A CG2 1 
ATOM   108 C CD1 . ILE A 1 13 ? -3.937  -23.873 3.072   1.00 34.81 ? 12 ILE A CD1 1 
ATOM   109 N N   . GLU A 1 14 ? -5.532  -19.847 -0.518  1.00 34.86 ? 13 GLU A N   1 
ATOM   110 C CA  . GLU A 1 14 ? -5.308  -18.973 -1.664  1.00 35.93 ? 13 GLU A CA  1 
ATOM   111 C C   . GLU A 1 14 ? -6.021  -17.637 -1.503  1.00 36.73 ? 13 GLU A C   1 
ATOM   112 O O   . GLU A 1 14 ? -5.492  -16.611 -1.919  1.00 36.97 ? 13 GLU A O   1 
ATOM   113 C CB  . GLU A 1 14 ? -5.694  -19.667 -2.970  1.00 35.81 ? 13 GLU A CB  1 
ATOM   114 C CG  . GLU A 1 14 ? -4.761  -20.812 -3.309  1.00 36.83 ? 13 GLU A CG  1 
ATOM   115 C CD  . GLU A 1 14 ? -5.042  -21.434 -4.658  1.00 40.59 ? 13 GLU A CD  1 
ATOM   116 O OE1 . GLU A 1 14 ? -6.228  -21.658 -4.979  1.00 43.12 ? 13 GLU A OE1 1 
ATOM   117 O OE2 . GLU A 1 14 ? -4.067  -21.693 -5.393  1.00 42.59 ? 13 GLU A OE2 1 
ATOM   118 N N   . SER A 1 15 ? -7.195  -17.647 -0.883  1.00 37.59 ? 14 SER A N   1 
ATOM   119 C CA  . SER A 1 15 ? -7.945  -16.417 -0.633  1.00 38.46 ? 14 SER A CA  1 
ATOM   120 C C   . SER A 1 15 ? -7.234  -15.523 0.368   1.00 38.33 ? 14 SER A C   1 
ATOM   121 O O   . SER A 1 15 ? -7.180  -14.303 0.188   1.00 38.37 ? 14 SER A O   1 
ATOM   122 C CB  . SER A 1 15 ? -9.354  -16.732 -0.155  1.00 38.66 ? 14 SER A CB  1 
ATOM   123 O OG  . SER A 1 15 ? -10.118 -17.215 -1.238  1.00 41.27 ? 14 SER A OG  1 
ATOM   124 N N   . LYS A 1 16 ? -6.688  -16.133 1.414   1.00 37.80 ? 15 LYS A N   1 
ATOM   125 C CA  . LYS A 1 16 ? -5.887  -15.420 2.398   1.00 38.27 ? 15 LYS A CA  1 
ATOM   126 C C   . LYS A 1 16 ? -4.624  -14.838 1.761   1.00 37.64 ? 15 LYS A C   1 
ATOM   127 O O   . LYS A 1 16 ? -4.247  -13.698 2.058   1.00 37.27 ? 15 LYS A O   1 
ATOM   128 C CB  . LYS A 1 16 ? -5.503  -16.343 3.548   1.00 38.82 ? 15 LYS A CB  1 
ATOM   129 C CG  . LYS A 1 16 ? -5.286  -15.628 4.852   1.00 41.55 ? 15 LYS A CG  1 
ATOM   130 C CD  . LYS A 1 16 ? -6.612  -15.449 5.575   1.00 44.21 ? 15 LYS A CD  1 
ATOM   131 C CE  . LYS A 1 16 ? -6.625  -14.175 6.405   1.00 45.68 ? 15 LYS A CE  1 
ATOM   132 N NZ  . LYS A 1 16 ? -8.018  -13.692 6.613   1.00 46.85 ? 15 LYS A NZ  1 
ATOM   133 N N   . GLN A 1 17 ? -3.983  -15.615 0.889   1.00 36.94 ? 16 GLN A N   1 
ATOM   134 C CA  . GLN A 1 17 ? -2.809  -15.161 0.147   1.00 36.91 ? 16 GLN A CA  1 
ATOM   135 C C   . GLN A 1 17 ? -3.113  -13.912 -0.673  1.00 36.62 ? 16 GLN A C   1 
ATOM   136 O O   . GLN A 1 17 ? -2.301  -12.982 -0.707  1.00 35.53 ? 16 GLN A O   1 
ATOM   137 C CB  . GLN A 1 17 ? -2.275  -16.255 -0.781  1.00 37.43 ? 16 GLN A CB  1 
ATOM   138 C CG  . GLN A 1 17 ? -1.435  -17.331 -0.113  1.00 39.77 ? 16 GLN A CG  1 
ATOM   139 C CD  . GLN A 1 17 ? -0.542  -18.068 -1.103  1.00 42.41 ? 16 GLN A CD  1 
ATOM   140 O OE1 . GLN A 1 17 ? 0.533   -18.550 -0.740  1.00 44.52 ? 16 GLN A OE1 1 
ATOM   141 N NE2 . GLN A 1 17 ? -0.978  -18.153 -2.355  1.00 43.44 ? 16 GLN A NE2 1 
ATOM   142 N N   . LYS A 1 18 ? -4.267  -13.890 -1.340  1.00 35.91 ? 17 LYS A N   1 
ATOM   143 C CA  . LYS A 1 18 ? -4.683  -12.726 -2.123  1.00 36.21 ? 17 LYS A CA  1 
ATOM   144 C C   . LYS A 1 18 ? -4.921  -11.493 -1.248  1.00 35.67 ? 17 LYS A C   1 
ATOM   145 O O   . LYS A 1 18 ? -4.545  -10.373 -1.626  1.00 35.25 ? 17 LYS A O   1 
ATOM   146 C CB  . LYS A 1 18 ? -5.925  -13.036 -2.972  1.00 36.70 ? 17 LYS A CB  1 
ATOM   147 C CG  . LYS A 1 18 ? -5.607  -13.512 -4.393  1.00 40.40 ? 17 LYS A CG  1 
ATOM   148 C CD  . LYS A 1 18 ? -5.637  -15.033 -4.542  1.00 44.95 ? 17 LYS A CD  1 
ATOM   149 C CE  . LYS A 1 18 ? -7.066  -15.611 -4.547  1.00 46.41 ? 17 LYS A CE  1 
ATOM   150 N NZ  . LYS A 1 18 ? -7.707  -15.663 -5.894  1.00 48.83 ? 17 LYS A NZ  1 
ATOM   151 N N   . LYS A 1 19 ? -5.534  -11.709 -0.086  1.00 34.70 ? 18 LYS A N   1 
ATOM   152 C CA  . LYS A 1 19 ? -5.743  -10.671 0.921   1.00 35.01 ? 18 LYS A CA  1 
ATOM   153 C C   . LYS A 1 19 ? -4.404  -10.079 1.342   1.00 34.20 ? 18 LYS A C   1 
ATOM   154 O O   . LYS A 1 19 ? -4.256  -8.857  1.417   1.00 33.78 ? 18 LYS A O   1 
ATOM   155 C CB  . LYS A 1 19 ? -6.463  -11.246 2.140   1.00 35.60 ? 18 LYS A CB  1 
ATOM   156 C CG  . LYS A 1 19 ? -6.571  -10.297 3.321   1.00 38.17 ? 18 LYS A CG  1 
ATOM   157 C CD  . LYS A 1 19 ? -7.213  -10.963 4.537   1.00 42.87 ? 18 LYS A CD  1 
ATOM   158 C CE  . LYS A 1 19 ? -7.113  -10.057 5.764   1.00 44.26 ? 18 LYS A CE  1 
ATOM   159 N NZ  . LYS A 1 19 ? -7.598  -10.710 7.017   1.00 45.56 ? 18 LYS A NZ  1 
ATOM   160 N N   . ILE A 1 20 ? -3.439  -10.950 1.618   1.00 32.87 ? 19 ILE A N   1 
ATOM   161 C CA  . ILE A 1 20 ? -2.084  -10.534 1.995   1.00 32.07 ? 19 ILE A CA  1 
ATOM   162 C C   . ILE A 1 20 ? -1.435  -9.724  0.878   1.00 31.94 ? 19 ILE A C   1 
ATOM   163 O O   . ILE A 1 20 ? -0.812  -8.676  1.137   1.00 30.95 ? 19 ILE A O   1 
ATOM   164 C CB  . ILE A 1 20 ? -1.201  -11.759 2.368   1.00 31.71 ? 19 ILE A CB  1 
ATOM   165 C CG1 . ILE A 1 20 ? -1.569  -12.272 3.760   1.00 32.76 ? 19 ILE A CG1 1 
ATOM   166 C CG2 . ILE A 1 20 ? 0.291   -11.418 2.309   1.00 31.91 ? 19 ILE A CG2 1 
ATOM   167 C CD1 . ILE A 1 20 ? -1.167  -13.718 4.032   1.00 34.23 ? 19 ILE A CD1 1 
ATOM   168 N N   . GLU A 1 21 ? -1.567  -10.198 -0.359  1.00 31.27 ? 20 GLU A N   1 
ATOM   169 C CA  . GLU A 1 21 ? -1.033  -9.497  -1.519  1.00 32.02 ? 20 GLU A CA  1 
ATOM   170 C C   . GLU A 1 21 ? -1.619  -8.092  -1.630  1.00 31.48 ? 20 GLU A C   1 
ATOM   171 O O   . GLU A 1 21 ? -0.891  -7.150  -1.975  1.00 30.66 ? 20 GLU A O   1 
ATOM   172 C CB  . GLU A 1 21 ? -1.281  -10.281 -2.820  1.00 32.39 ? 20 GLU A CB  1 
ATOM   173 C CG  . GLU A 1 21 ? -0.412  -11.524 -2.985  1.00 35.73 ? 20 GLU A CG  1 
ATOM   174 C CD  . GLU A 1 21 ? -0.976  -12.516 -4.002  1.00 40.22 ? 20 GLU A CD  1 
ATOM   175 O OE1 . GLU A 1 21 ? -1.919  -12.158 -4.743  1.00 42.86 ? 20 GLU A OE1 1 
ATOM   176 O OE2 . GLU A 1 21 ? -0.478  -13.660 -4.055  1.00 43.51 ? 20 GLU A OE2 1 
ATOM   177 N N   . ASN A 1 22 ? -2.911  -7.946  -1.330  1.00 31.74 ? 21 ASN A N   1 
ATOM   178 C CA  . ASN A 1 22 ? -3.582  -6.646  -1.398  1.00 32.74 ? 21 ASN A CA  1 
ATOM   179 C C   . ASN A 1 22 ? -3.032  -5.693  -0.349  1.00 32.31 ? 21 ASN A C   1 
ATOM   180 O O   . ASN A 1 22 ? -2.795  -4.512  -0.646  1.00 32.36 ? 21 ASN A O   1 
ATOM   181 C CB  . ASN A 1 22 ? -5.096  -6.784  -1.237  1.00 33.46 ? 21 ASN A CB  1 
ATOM   182 C CG  . ASN A 1 22 ? -5.769  -7.373  -2.463  1.00 35.80 ? 21 ASN A CG  1 
ATOM   183 O OD1 . ASN A 1 22 ? -5.178  -7.459  -3.544  1.00 39.07 ? 21 ASN A OD1 1 
ATOM   184 N ND2 . ASN A 1 22 ? -7.023  -7.781  -2.300  1.00 39.22 ? 21 ASN A ND2 1 
ATOM   185 N N   . GLU A 1 23 ? -2.817  -6.209  0.861   1.00 31.83 ? 22 GLU A N   1 
ATOM   186 C CA  . GLU A 1 23 ? -2.282  -5.431  1.970   1.00 31.66 ? 22 GLU A CA  1 
ATOM   187 C C   . GLU A 1 23 ? -0.872  -4.962  1.631   1.00 30.38 ? 22 GLU A C   1 
ATOM   188 O O   . GLU A 1 23 ? -0.530  -3.796  1.879   1.00 28.97 ? 22 GLU A O   1 
ATOM   189 C CB  . GLU A 1 23 ? -2.245  -6.262  3.247   1.00 32.52 ? 22 GLU A CB  1 
ATOM   190 C CG  . GLU A 1 23 ? -2.234  -5.441  4.523   1.00 37.20 ? 22 GLU A CG  1 
ATOM   191 C CD  . GLU A 1 23 ? -3.632  -5.037  4.955   1.00 42.50 ? 22 GLU A CD  1 
ATOM   192 O OE1 . GLU A 1 23 ? -4.208  -4.133  4.310   1.00 43.34 ? 22 GLU A OE1 1 
ATOM   193 O OE2 . GLU A 1 23 ? -4.157  -5.620  5.937   1.00 45.83 ? 22 GLU A OE2 1 
ATOM   194 N N   . ILE A 1 24 ? -0.059  -5.845  1.055   1.00 28.51 ? 23 ILE A N   1 
ATOM   195 C CA  . ILE A 1 24 ? 1.307   -5.502  0.634   1.00 27.99 ? 23 ILE A CA  1 
ATOM   196 C C   . ILE A 1 24 ? 1.273   -4.380  -0.385  1.00 27.89 ? 23 ILE A C   1 
ATOM   197 O O   . ILE A 1 24 ? 2.049   -3.430  -0.280  1.00 26.93 ? 23 ILE A O   1 
ATOM   198 C CB  . ILE A 1 24 ? 2.054   -6.731  0.067   1.00 28.35 ? 23 ILE A CB  1 
ATOM   199 C CG1 . ILE A 1 24 ? 2.514   -7.607  1.228   1.00 29.92 ? 23 ILE A CG1 1 
ATOM   200 C CG2 . ILE A 1 24 ? 3.253   -6.320  -0.788  1.00 30.21 ? 23 ILE A CG2 1 
ATOM   201 C CD1 . ILE A 1 24 ? 2.760   -9.052  0.835   1.00 30.51 ? 23 ILE A CD1 1 
ATOM   202 N N   . ALA A 1 25 ? 0.373   -4.465  -1.356  1.00 27.18 ? 24 ALA A N   1 
ATOM   203 C CA  . ALA A 1 25 ? 0.223   -3.437  -2.383  1.00 27.24 ? 24 ALA A CA  1 
ATOM   204 C C   . ALA A 1 25 ? -0.152  -2.098  -1.750  1.00 26.97 ? 24 ALA A C   1 
ATOM   205 O O   . ALA A 1 25 ? 0.385   -1.049  -2.153  1.00 27.52 ? 24 ALA A O   1 
ATOM   206 C CB  . ALA A 1 25 ? -0.822  -3.869  -3.426  1.00 27.83 ? 24 ALA A CB  1 
ATOM   207 N N   . ARG A 1 26 ? -1.012  -2.135  -0.733  1.00 26.76 ? 25 ARG A N   1 
ATOM   208 C CA  . ARG A 1 26 ? -1.473  -0.921  -0.044  1.00 26.66 ? 25 ARG A CA  1 
ATOM   209 C C   . ARG A 1 26 ? -0.300  -0.289  0.720   1.00 26.00 ? 25 ARG A C   1 
ATOM   210 O O   . ARG A 1 26 ? -0.104  0.947   0.699   1.00 25.58 ? 25 ARG A O   1 
ATOM   211 C CB  . ARG A 1 26 ? -2.637  -1.210  0.911   1.00 27.74 ? 25 ARG A CB  1 
ATOM   212 C CG  . ARG A 1 26 ? -4.008  -1.344  0.228   1.00 32.45 ? 25 ARG A CG  1 
ATOM   213 C CD  . ARG A 1 26 ? -5.163  -1.380  1.244   1.00 38.42 ? 25 ARG A CD  1 
ATOM   214 N NE  . ARG A 1 26 ? -5.200  -2.598  2.059   1.00 42.62 ? 25 ARG A NE  1 
ATOM   215 C CZ  . ARG A 1 26 ? -5.836  -3.718  1.714   1.00 44.22 ? 25 ARG A CZ  1 
ATOM   216 N NH1 . ARG A 1 26 ? -6.487  -3.794  0.561   1.00 47.25 ? 25 ARG A NH1 1 
ATOM   217 N NH2 . ARG A 1 26 ? -5.819  -4.769  2.523   1.00 46.58 ? 25 ARG A NH2 1 
ATOM   218 N N   . ILE A 1 27 ? 0.490   -1.126  1.373   1.00 24.51 ? 26 ILE A N   1 
ATOM   219 C CA  . ILE A 1 27 ? 1.656   -0.652  2.123   1.00 24.12 ? 26 ILE A CA  1 
ATOM   220 C C   . ILE A 1 27 ? 2.659   -0.042  1.172   1.00 23.66 ? 26 ILE A C   1 
ATOM   221 O O   . ILE A 1 27 ? 3.209   1.024   1.451   1.00 22.35 ? 26 ILE A O   1 
ATOM   222 C CB  . ILE A 1 27 ? 2.302   -1.811  2.885   1.00 23.91 ? 26 ILE A CB  1 
ATOM   223 C CG1 . ILE A 1 27 ? 1.440   -2.178  4.083   1.00 26.03 ? 26 ILE A CG1 1 
ATOM   224 C CG2 . ILE A 1 27 ? 3.727   -1.459  3.329   1.00 24.55 ? 26 ILE A CG2 1 
ATOM   225 C CD1 . ILE A 1 27 ? 1.757   -3.577  4.642   1.00 27.83 ? 26 ILE A CD1 1 
ATOM   226 N N   . LYS A 1 28 ? 2.903   -0.668  0.036   1.00 23.16 ? 27 LYS A N   1 
ATOM   227 C CA  . LYS A 1 28 ? 3.858   -0.139  -0.917  1.00 23.40 ? 27 LYS A CA  1 
ATOM   228 C C   . LYS A 1 28 ? 3.429   1.233   -1.402  1.00 22.66 ? 27 LYS A C   1 
ATOM   229 O O   . LYS A 1 28 ? 4.269   2.119   -1.534  1.00 23.26 ? 27 LYS A O   1 
ATOM   230 C CB  . LYS A 1 28 ? 4.034   -1.085  -2.104  1.00 24.40 ? 27 LYS A CB  1 
ATOM   231 C CG  . LYS A 1 28 ? 4.836   -2.319  -1.758  1.00 27.98 ? 27 LYS A CG  1 
ATOM   232 C CD  . LYS A 1 28 ? 4.586   -3.420  -2.762  1.00 33.29 ? 27 LYS A CD  1 
ATOM   233 C CE  . LYS A 1 28 ? 5.481   -3.289  -3.967  1.00 35.69 ? 27 LYS A CE  1 
ATOM   234 N NZ  . LYS A 1 28 ? 5.482   -4.570  -4.745  1.00 37.16 ? 27 LYS A NZ  1 
ATOM   235 N N   . LYS A 1 29 ? 2.139   1.426   -1.637  1.00 22.72 ? 28 LYS A N   1 
ATOM   236 C CA  . LYS A 1 29 ? 1.674   2.699   -2.160  1.00 23.65 ? 28 LYS A CA  1 
ATOM   237 C C   . LYS A 1 29 ? 1.902   3.806   -1.131  1.00 22.24 ? 28 LYS A C   1 
ATOM   238 O O   . LYS A 1 29 ? 2.377   4.910   -1.473  1.00 22.51 ? 28 LYS A O   1 
ATOM   239 C CB  . LYS A 1 29 ? 0.219   2.609   -2.591  1.00 24.65 ? 28 LYS A CB  1 
ATOM   240 C CG  . LYS A 1 29 ? 0.005   1.913   -3.922  1.00 29.46 ? 28 LYS A CG  1 
ATOM   241 C CD  . LYS A 1 29 ? -1.424  2.151   -4.411  1.00 34.39 ? 28 LYS A CD  1 
ATOM   242 C CE  . LYS A 1 29 ? -1.611  1.731   -5.862  1.00 38.32 ? 28 LYS A CE  1 
ATOM   243 N NZ  . LYS A 1 29 ? -2.814  2.375   -6.467  1.00 41.85 ? 28 LYS A NZ  1 
ATOM   244 N N   . LEU A 1 30 ? 1.618   3.509   0.120   1.00 21.64 ? 29 LEU A N   1 
ATOM   245 C CA  . LEU A 1 30 ? 1.728   4.520   1.165   1.00 21.13 ? 29 LEU A CA  1 
ATOM   246 C C   . LEU A 1 30 ? 3.187   4.805   1.419   1.00 20.85 ? 29 LEU A C   1 
ATOM   247 O O   . LEU A 1 30 ? 3.569   5.972   1.615   1.00 20.02 ? 29 LEU A O   1 
ATOM   248 C CB  . LEU A 1 30 ? 1.009   4.079   2.450   1.00 21.87 ? 29 LEU A CB  1 
ATOM   249 C CG  . LEU A 1 30 ? 1.104   5.076   3.632   1.00 22.87 ? 29 LEU A CG  1 
ATOM   250 C CD1 . LEU A 1 30 ? 0.651   6.488   3.277   1.00 23.81 ? 29 LEU A CD1 1 
ATOM   251 C CD2 . LEU A 1 30 ? 0.276   4.586   4.825   1.00 24.68 ? 29 LEU A CD2 1 
ATOM   252 N N   . LEU A 1 31 ? 4.005   3.760   1.410   1.00 19.88 ? 30 LEU A N   1 
ATOM   253 C CA  . LEU A 1 31 ? 5.440   3.899   1.606   1.00 19.94 ? 30 LEU A CA  1 
ATOM   254 C C   . LEU A 1 31 ? 6.002   4.804   0.510   1.00 19.77 ? 30 LEU A C   1 
ATOM   255 O O   . LEU A 1 31 ? 6.832   5.690   0.795   1.00 20.51 ? 30 LEU A O   1 
ATOM   256 C CB  . LEU A 1 31 ? 6.125   2.520   1.655   1.00 20.85 ? 30 LEU A CB  1 
ATOM   257 C CG  . LEU A 1 31 ? 7.631   2.530   1.776   1.00 20.28 ? 30 LEU A CG  1 
ATOM   258 C CD1 . LEU A 1 31 ? 8.071   3.239   3.058   1.00 19.86 ? 30 LEU A CD1 1 
ATOM   259 C CD2 . LEU A 1 31 ? 8.109   1.092   1.794   1.00 23.87 ? 30 LEU A CD2 1 
ATOM   260 N N   . GLN A 1 32 ? 5.534   4.658   -0.731  1.00 19.83 ? 31 GLN A N   1 
ATOM   261 C CA  . GLN A 1 32 ? 5.952   5.535   -1.814  1.00 20.81 ? 31 GLN A CA  1 
ATOM   262 C C   . GLN A 1 32 ? 5.610   6.998   -1.550  1.00 19.63 ? 31 GLN A C   1 
ATOM   263 O O   . GLN A 1 32 ? 6.406   7.879   -1.864  1.00 19.78 ? 31 GLN A O   1 
ATOM   264 C CB  . GLN A 1 32 ? 5.383   5.068   -3.153  1.00 23.42 ? 31 GLN A CB  1 
ATOM   265 C CG  . GLN A 1 32 ? 6.042   3.773   -3.672  1.00 28.51 ? 31 GLN A CG  1 
ATOM   266 C CD  . GLN A 1 32 ? 7.591   3.797   -3.674  1.00 36.03 ? 31 GLN A CD  1 
ATOM   267 O OE1 . GLN A 1 32 ? 8.223   4.832   -3.939  1.00 40.51 ? 31 GLN A OE1 1 
ATOM   268 N NE2 . GLN A 1 32 ? 8.200   2.649   -3.391  1.00 38.96 ? 31 GLN A NE2 1 
ATOM   269 N N   . LEU A 1 33 ? 4.443   7.243   -0.980  1.00 19.33 ? 32 LEU A N   1 
ATOM   270 C CA  . LEU A 1 33 ? 4.095   8.620   -0.619  1.00 18.31 ? 32 LEU A CA  1 
ATOM   271 C C   . LEU A 1 33 ? 5.015   9.149   0.425   1.00 17.84 ? 32 LEU A C   1 
ATOM   272 O O   . LEU A 1 33 ? 5.409   10.321  0.345   1.00 17.58 ? 32 LEU A O   1 
ATOM   273 C CB  . LEU A 1 33 ? 2.664   8.751   -0.143  1.00 19.17 ? 32 LEU A CB  1 
ATOM   274 C CG  . LEU A 1 33 ? 1.574   8.201   -1.069  1.00 20.47 ? 32 LEU A CG  1 
ATOM   275 C CD1 . LEU A 1 33 ? 0.187   8.495   -0.489  1.00 25.58 ? 32 LEU A CD1 1 
ATOM   276 C CD2 . LEU A 1 33 ? 1.703   8.774   -2.487  1.00 22.93 ? 32 LEU A CD2 1 
ATOM   277 N N   . THR A 1 34 ? 5.394   8.315   1.391   1.00 17.18 ? 33 THR A N   1 
ATOM   278 C CA  . THR A 1 34 ? 6.271   8.851   2.449   1.00 17.20 ? 33 THR A CA  1 
ATOM   279 C C   . THR A 1 34 ? 7.676   9.145   1.903   1.00 17.07 ? 33 THR A C   1 
ATOM   280 O O   . THR A 1 34 ? 8.320   10.115  2.310   1.00 17.55 ? 33 THR A O   1 
ATOM   281 C CB  . THR A 1 34 ? 6.373   7.931   3.683   1.00 18.11 ? 33 THR A CB  1 
ATOM   282 O OG1 . THR A 1 34 ? 6.990   6.687   3.319   1.00 18.92 ? 33 THR A OG1 1 
ATOM   283 C CG2 . THR A 1 34 ? 5.023   7.682   4.312   1.00 19.96 ? 33 THR A CG2 1 
ATOM   284 N N   . VAL A 1 35 ? 8.158   8.329   0.963   1.00 17.43 ? 34 VAL A N   1 
ATOM   285 C CA  . VAL A 1 35 ? 9.448   8.559   0.353   1.00 17.66 ? 34 VAL A CA  1 
ATOM   286 C C   . VAL A 1 35 ? 9.429   9.918   -0.365  1.00 16.88 ? 34 VAL A C   1 
ATOM   287 O O   . VAL A 1 35 ? 10.370  10.727  -0.249  1.00 16.96 ? 34 VAL A O   1 
ATOM   288 C CB  . VAL A 1 35 ? 9.759   7.427   -0.648  1.00 18.02 ? 34 VAL A CB  1 
ATOM   289 C CG1 . VAL A 1 35 ? 10.953  7.765   -1.508  1.00 20.55 ? 34 VAL A CG1 1 
ATOM   290 C CG2 . VAL A 1 35 ? 10.029  6.119   0.086   1.00 19.75 ? 34 VAL A CG2 1 
ATOM   291 N N   . TRP A 1 36 ? 8.369   10.161  -1.134  1.00 16.84 ? 35 TRP A N   1 
ATOM   292 C CA  . TRP A 1 36 ? 8.205   11.425  -1.807  1.00 16.89 ? 35 TRP A CA  1 
ATOM   293 C C   . TRP A 1 36 ? 8.183   12.568  -0.785  1.00 16.55 ? 35 TRP A C   1 
ATOM   294 O O   . TRP A 1 36 ? 8.820   13.599  -1.029  1.00 16.79 ? 35 TRP A O   1 
ATOM   295 C CB  . TRP A 1 36 ? 6.899   11.391  -2.620  1.00 18.02 ? 35 TRP A CB  1 
ATOM   296 C CG  . TRP A 1 36 ? 6.639   12.619  -3.435  1.00 18.32 ? 35 TRP A CG  1 
ATOM   297 C CD1 . TRP A 1 36 ? 6.987   12.843  -4.739  1.00 19.99 ? 35 TRP A CD1 1 
ATOM   298 C CD2 . TRP A 1 36 ? 5.929   13.792  -3.005  1.00 18.36 ? 35 TRP A CD2 1 
ATOM   299 N NE1 . TRP A 1 36 ? 6.551   14.084  -5.143  1.00 21.52 ? 35 TRP A NE1 1 
ATOM   300 C CE2 . TRP A 1 36 ? 5.917   14.694  -4.092  1.00 19.03 ? 35 TRP A CE2 1 
ATOM   301 C CE3 . TRP A 1 36 ? 5.322   14.169  -1.800  1.00 18.03 ? 35 TRP A CE3 1 
ATOM   302 C CZ2 . TRP A 1 36 ? 5.300   15.954  -4.013  1.00 19.80 ? 35 TRP A CZ2 1 
ATOM   303 C CZ3 . TRP A 1 36 ? 4.725   15.442  -1.711  1.00 20.11 ? 35 TRP A CZ3 1 
ATOM   304 C CH2 . TRP A 1 36 ? 4.729   16.306  -2.823  1.00 18.39 ? 35 TRP A CH2 1 
ATOM   305 N N   . GLY A 1 37 ? 7.442   12.411  0.316   1.00 16.31 ? 36 GLY A N   1 
ATOM   306 C CA  . GLY A 1 37 ? 7.352   13.492  1.314   1.00 16.66 ? 36 GLY A CA  1 
ATOM   307 C C   . GLY A 1 37 ? 8.724   13.799  1.895   1.00 15.41 ? 36 GLY A C   1 
ATOM   308 O O   . GLY A 1 37 ? 9.090   14.958  2.039   1.00 15.63 ? 36 GLY A O   1 
ATOM   309 N N   . ILE A 1 38 ? 9.490   12.771  2.209   1.00 15.84 ? 37 ILE A N   1 
ATOM   310 C CA  . ILE A 1 38 ? 10.837  12.961  2.746   1.00 15.72 ? 37 ILE A CA  1 
ATOM   311 C C   . ILE A 1 38 ? 11.710  13.697  1.719   1.00 15.05 ? 37 ILE A C   1 
ATOM   312 O O   . ILE A 1 38 ? 12.472  14.588  2.104   1.00 15.90 ? 37 ILE A O   1 
ATOM   313 C CB  . ILE A 1 38 ? 11.442  11.593  3.146   1.00 15.90 ? 37 ILE A CB  1 
ATOM   314 C CG1 . ILE A 1 38 ? 10.698  11.084  4.387   1.00 17.32 ? 37 ILE A CG1 1 
ATOM   315 C CG2 . ILE A 1 38 ? 12.937  11.754  3.481   1.00 17.63 ? 37 ILE A CG2 1 
ATOM   316 C CD1 . ILE A 1 38 ? 10.956  9.623   4.638   1.00 17.26 ? 37 ILE A CD1 1 
ATOM   317 N N   . LYS A 1 39 ? 11.604  13.358  0.428   1.00 15.35 ? 38 LYS A N   1 
ATOM   318 C CA  . LYS A 1 39 ? 12.403  14.022  -0.591  1.00 16.02 ? 38 LYS A CA  1 
ATOM   319 C C   . LYS A 1 39 ? 12.066  15.518  -0.625  1.00 16.06 ? 38 LYS A C   1 
ATOM   320 O O   . LYS A 1 39 ? 12.973  16.370  -0.715  1.00 16.25 ? 38 LYS A O   1 
ATOM   321 C CB  . LYS A 1 39 ? 12.132  13.391  -1.956  1.00 17.40 ? 38 LYS A CB  1 
ATOM   322 C CG  . LYS A 1 39 ? 13.081  13.816  -3.044  1.00 21.40 ? 38 LYS A CG  1 
ATOM   323 C CD  . LYS A 1 39 ? 12.829  12.981  -4.287  1.00 27.44 ? 38 LYS A CD  1 
ATOM   324 C CE  . LYS A 1 39 ? 14.063  13.050  -5.203  1.00 32.28 ? 38 LYS A CE  1 
ATOM   325 N NZ  . LYS A 1 39 ? 13.818  12.380  -6.502  1.00 37.18 ? 38 LYS A NZ  1 
ATOM   326 N N   . GLN A 1 40 ? 10.770  15.841  -0.522  1.00 15.44 ? 39 GLN A N   1 
ATOM   327 C CA  . GLN A 1 40 ? 10.400  17.267  -0.562  1.00 17.07 ? 39 GLN A CA  1 
ATOM   328 C C   . GLN A 1 40 ? 10.889  18.012  0.681   1.00 15.80 ? 39 GLN A C   1 
ATOM   329 O O   . GLN A 1 40 ? 11.366  19.152  0.606   1.00 17.27 ? 39 GLN A O   1 
ATOM   330 C CB  . GLN A 1 40 ? 8.880   17.460  -0.672  1.00 17.48 ? 39 GLN A CB  1 
ATOM   331 C CG  . GLN A 1 40 ? 8.165   16.711  -1.786  1.00 19.31 ? 39 GLN A CG  1 
ATOM   332 C CD  . GLN A 1 40 ? 8.934   16.624  -3.063  1.00 25.57 ? 39 GLN A CD  1 
ATOM   333 O OE1 . GLN A 1 40 ? 9.250   17.639  -3.664  1.00 28.02 ? 39 GLN A OE1 1 
ATOM   334 N NE2 . GLN A 1 40 ? 9.229   15.412  -3.505  1.00 25.43 ? 39 GLN A NE2 1 
ATOM   335 N N   . LEU A 1 41 ? 10.778  17.386  1.841   1.00 15.69 ? 40 LEU A N   1 
ATOM   336 C CA  . LEU A 1 41 ? 11.218  18.048  3.052   1.00 16.36 ? 40 LEU A CA  1 
ATOM   337 C C   . LEU A 1 41 ? 12.729  18.263  3.049   1.00 16.27 ? 40 LEU A C   1 
ATOM   338 O O   . LEU A 1 41 ? 13.223  19.336  3.413   1.00 16.54 ? 40 LEU A O   1 
ATOM   339 C CB  . LEU A 1 41 ? 10.818  17.265  4.295   1.00 17.50 ? 40 LEU A CB  1 
ATOM   340 C CG  . LEU A 1 41 ? 9.321   17.096  4.491   1.00 17.59 ? 40 LEU A CG  1 
ATOM   341 C CD1 . LEU A 1 41 ? 9.070   16.242  5.717   1.00 22.67 ? 40 LEU A CD1 1 
ATOM   342 C CD2 . LEU A 1 41 ? 8.647   18.450  4.609   1.00 22.35 ? 40 LEU A CD2 1 
ATOM   343 N N   . GLN A 1 42 ? 13.470  17.244  2.608   1.00 14.99 ? 41 GLN A N   1 
ATOM   344 C CA  . GLN A 1 42 ? 14.926  17.394  2.525   1.00 15.01 ? 41 GLN A CA  1 
ATOM   345 C C   . GLN A 1 42 ? 15.313  18.525  1.568   1.00 15.98 ? 41 GLN A C   1 
ATOM   346 O O   . GLN A 1 42 ? 16.195  19.323  1.874   1.00 16.21 ? 41 GLN A O   1 
ATOM   347 C CB  . GLN A 1 42 ? 15.554  16.074  2.060   1.00 15.64 ? 41 GLN A CB  1 
ATOM   348 C CG  . GLN A 1 42 ? 17.090  16.211  2.070   1.00 16.47 ? 41 GLN A CG  1 
ATOM   349 C CD  . GLN A 1 42 ? 17.768  15.127  1.274   1.00 16.59 ? 41 GLN A CD  1 
ATOM   350 O OE1 . GLN A 1 42 ? 17.218  14.622  0.292   1.00 17.52 ? 41 GLN A OE1 1 
ATOM   351 N NE2 . GLN A 1 42 ? 18.971  14.778  1.682   1.00 19.07 ? 41 GLN A NE2 1 
ATOM   352 N N   . ALA A 1 43 ? 14.622  18.617  0.429   1.00 16.56 ? 42 ALA A N   1 
ATOM   353 C CA  . ALA A 1 43 ? 14.977  19.665  -0.538  1.00 17.89 ? 42 ALA A CA  1 
ATOM   354 C C   . ALA A 1 43 ? 14.752  21.038  0.051   1.00 18.94 ? 42 ALA A C   1 
ATOM   355 O O   . ALA A 1 43 ? 15.546  21.959  -0.169  1.00 19.66 ? 42 ALA A O   1 
ATOM   356 C CB  . ALA A 1 43 ? 14.198  19.467  -1.822  1.00 18.16 ? 42 ALA A CB  1 
ATOM   357 N N   . ARG A 1 44 ? 13.723  21.188  0.865   1.00 19.05 ? 43 ARG A N   1 
ATOM   358 C CA  . ARG A 1 44 ? 13.533  22.465  1.554   1.00 21.30 ? 43 ARG A CA  1 
ATOM   359 C C   . ARG A 1 44 ? 14.629  22.757  2.576   1.00 21.89 ? 43 ARG A C   1 
ATOM   360 O O   . ARG A 1 44 ? 15.107  23.904  2.722   1.00 23.01 ? 43 ARG A O   1 
ATOM   361 C CB  . ARG A 1 44 ? 12.183  22.448  2.226   1.00 23.43 ? 43 ARG A CB  1 
ATOM   362 C CG  . ARG A 1 44 ? 11.940  23.716  2.883   1.00 27.53 ? 43 ARG A CG  1 
ATOM   363 C CD  . ARG A 1 44 ? 11.172  24.665  2.022   1.00 34.08 ? 43 ARG A CD  1 
ATOM   364 N NE  . ARG A 1 44 ? 10.422  25.395  3.001   1.00 35.49 ? 43 ARG A NE  1 
ATOM   365 C CZ  . ARG A 1 44 ? 9.275   26.000  2.796   1.00 32.15 ? 43 ARG A CZ  1 
ATOM   366 N NH1 . ARG A 1 44 ? 8.725   25.997  1.592   1.00 29.58 ? 43 ARG A NH1 1 
ATOM   367 N NH2 . ARG A 1 44 ? 8.712   26.600  3.820   1.00 33.82 ? 43 ARG A NH2 1 
ATOM   368 N N   . ILE A 1 45 ? 15.029  21.742  3.330   1.00 21.01 ? 44 ILE A N   1 
ATOM   369 C CA  . ILE A 1 45 ? 16.056  21.866  4.364   1.00 23.55 ? 44 ILE A CA  1 
ATOM   370 C C   . ILE A 1 45 ? 17.437  22.172  3.808   1.00 23.41 ? 44 ILE A C   1 
ATOM   371 O O   . ILE A 1 45 ? 18.227  22.872  4.451   1.00 24.37 ? 44 ILE A O   1 
ATOM   372 C CB  . ILE A 1 45 ? 16.102  20.565  5.230   1.00 24.48 ? 44 ILE A CB  1 
ATOM   373 C CG1 . ILE A 1 45 ? 14.870  20.609  6.129   1.00 27.88 ? 44 ILE A CG1 1 
ATOM   374 C CG2 . ILE A 1 45 ? 17.471  20.406  5.925   1.00 28.01 ? 44 ILE A CG2 1 
ATOM   375 C CD1 . ILE A 1 45 ? 14.591  19.331  6.891   1.00 31.88 ? 44 ILE A CD1 1 
ATOM   376 N N   . LEU A 1 46 ? 17.728  21.680  2.611   1.00 22.40 ? 45 LEU A N   1 
ATOM   377 C CA  . LEU A 1 46 ? 19.021  21.914  1.957   1.00 22.91 ? 45 LEU A CA  1 
ATOM   378 C C   . LEU A 1 46 ? 19.050  23.163  1.110   1.00 24.72 ? 45 LEU A C   1 
ATOM   379 O O   . LEU A 1 46 ? 20.117  23.570  0.641   1.00 24.43 ? 45 LEU A O   1 
ATOM   380 C CB  . LEU A 1 46 ? 19.406  20.705  1.094   1.00 24.16 ? 45 LEU A CB  1 
ATOM   381 C CG  . LEU A 1 46 ? 19.936  19.563  1.940   1.00 25.75 ? 45 LEU A CG  1 
ATOM   382 C CD1 . LEU A 1 46 ? 20.272  18.371  1.059   1.00 25.47 ? 45 LEU A CD1 1 
ATOM   383 C CD2 . LEU A 1 46 ? 21.187  19.958  2.758   1.00 27.39 ? 45 LEU A CD2 1 
HETATM 384 N N   . NH2 A 1 47 ? 17.908  23.751  0.774   1.00 25.45 ? 46 NH2 A N   1 
HETATM 385 C C   . ACE B 2 1  ? 6.638   16.531  -7.447  1.00 33.50 ? 1  ACE H C   1 
HETATM 386 O O   . ACE B 2 1  ? 7.403   15.599  -7.297  1.00 34.42 ? 1  ACE H O   1 
HETATM 387 C CH3 . ACE B 2 1  ? 7.084   17.936  -7.169  1.00 34.77 ? 1  ACE H CH3 1 
HETATM 388 N N   . DLY B 2 2  ? 5.531   16.427  -8.191  1.00 32.97 ? 2  DLY H N   1 
HETATM 389 C CA  . DLY B 2 2  ? 5.070   15.234  -8.907  1.00 30.26 ? 2  DLY H CA  1 
HETATM 390 C C   . DLY B 2 2  ? 4.433   14.198  -7.983  1.00 27.57 ? 2  DLY H C   1 
HETATM 391 O O   . DLY B 2 2  ? 4.864   13.066  -7.874  1.00 27.41 ? 2  DLY H O   1 
HETATM 392 C CB  . DLY B 2 2  ? 4.068   15.759  -9.925  1.00 32.35 ? 2  DLY H CB  1 
HETATM 393 C CG  . DLY B 2 2  ? 4.741   15.894  -11.298 1.00 36.19 ? 2  DLY H CG  1 
HETATM 394 C CD  . DLY B 2 2  ? 4.935   17.357  -11.687 1.00 40.26 ? 2  DLY H CD  1 
HETATM 395 C CE  . DLY B 2 2  ? 6.298   17.907  -11.255 1.00 42.51 ? 2  DLY H CE  1 
HETATM 396 N NZ  . DLY B 2 2  ? 6.279   19.356  -11.282 1.00 43.67 ? 2  DLY H NZ  1 
HETATM 397 N N   . DHI B 2 3  ? 3.372   14.592  -7.295  1.00 25.04 ? 3  DHI H N   1 
HETATM 398 C CA  . DHI B 2 3  ? 2.649   13.685  -6.411  1.00 22.57 ? 3  DHI H CA  1 
HETATM 399 C C   . DHI B 2 3  ? 2.046   14.518  -5.301  1.00 21.31 ? 3  DHI H C   1 
HETATM 400 O O   . DHI B 2 3  ? 1.632   15.647  -5.564  1.00 21.04 ? 3  DHI H O   1 
HETATM 401 C CB  . DHI B 2 3  ? 1.541   13.022  -7.243  1.00 23.29 ? 3  DHI H CB  1 
HETATM 402 C CG  . DHI B 2 3  ? 0.902   11.866  -6.520  1.00 22.68 ? 3  DHI H CG  1 
HETATM 403 N ND1 . DHI B 2 3  ? 0.053   11.908  -5.465  1.00 21.20 ? 3  DHI H ND1 1 
HETATM 404 C CD2 . DHI B 2 3  ? 1.097   10.524  -6.826  1.00 24.96 ? 3  DHI H CD2 1 
HETATM 405 C CE1 . DHI B 2 3  ? -0.277  10.644  -5.124  1.00 23.25 ? 3  DHI H CE1 1 
HETATM 406 N NE2 . DHI B 2 3  ? 0.374   9.803   -5.958  1.00 24.10 ? 3  DHI H NE2 1 
HETATM 407 N N   . DPR B 2 4  ? 2.002   14.011  -4.054  1.00 20.53 ? 4  DPR H N   1 
HETATM 408 C CA  . DPR B 2 4  ? 1.374   14.805  -2.989  1.00 19.50 ? 4  DPR H CA  1 
HETATM 409 C CB  . DPR B 2 4  ? 1.481   13.902  -1.741  1.00 20.38 ? 4  DPR H CB  1 
HETATM 410 C CG  . DPR B 2 4  ? 1.729   12.509  -2.297  1.00 19.69 ? 4  DPR H CG  1 
HETATM 411 C CD  . DPR B 2 4  ? 2.495   12.707  -3.565  1.00 20.07 ? 4  DPR H CD  1 
HETATM 412 C C   . DPR B 2 4  ? -0.069  15.226  -3.294  1.00 20.42 ? 4  DPR H C   1 
HETATM 413 O O   . DPR B 2 4  ? -0.518  16.276  -2.832  1.00 21.03 ? 4  DPR H O   1 
HETATM 414 N N   . DCY B 2 5  ? -0.784  14.414  -4.072  1.00 19.98 ? 5  DCY H N   1 
HETATM 415 C CA  . DCY B 2 5  ? -2.162  14.746  -4.385  1.00 21.47 ? 5  DCY H CA  1 
HETATM 416 C C   . DCY B 2 5  ? -2.265  16.016  -5.203  1.00 21.75 ? 5  DCY H C   1 
HETATM 417 O O   . DCY B 2 5  ? -3.363  16.549  -5.247  1.00 23.56 ? 5  DCY H O   1 
HETATM 418 C CB  . DCY B 2 5  ? -2.827  13.582  -5.130  1.00 20.83 ? 5  DCY H CB  1 
HETATM 419 S SG  . DCY B 2 5  ? -3.108  12.097  -4.110  1.00 26.41 ? 5  DCY H SG  1 
HETATM 420 N N   . DAS B 2 6  ? -1.169  16.513  -5.782  1.00 20.72 ? 6  DAS H N   1 
HETATM 421 C CA  . DAS B 2 6  ? -1.175  17.752  -6.568  1.00 22.02 ? 6  DAS H CA  1 
HETATM 422 C C   . DAS B 2 6  ? -1.074  18.998  -5.702  1.00 21.81 ? 6  DAS H C   1 
HETATM 423 O O   . DAS B 2 6  ? -1.225  20.073  -6.252  1.00 22.81 ? 6  DAS H O   1 
HETATM 424 C CB  . DAS B 2 6  ? -0.035  17.781  -7.581  1.00 21.53 ? 6  DAS H CB  1 
HETATM 425 C CG  . DAS B 2 6  ? -0.129  16.639  -8.571  1.00 25.88 ? 6  DAS H CG  1 
HETATM 426 O OD1 . DAS B 2 6  ? 0.925   16.099  -8.978  1.00 29.85 ? 6  DAS H OD1 1 
HETATM 427 O OD2 . DAS B 2 6  ? -1.253  16.277  -8.924  1.00 27.17 ? 6  DAS H OD2 1 
HETATM 428 N N   . DTY B 2 7  ? -0.865  18.865  -4.389  1.00 20.34 ? 7  DTY H N   1 
HETATM 429 C CA  . DTY B 2 7  ? -0.547  19.999  -3.522  1.00 20.12 ? 7  DTY H CA  1 
HETATM 430 C C   . DTY B 2 7  ? -1.517  20.061  -2.387  1.00 19.85 ? 7  DTY H C   1 
HETATM 431 O O   . DTY B 2 7  ? -1.651  19.123  -1.619  1.00 19.58 ? 7  DTY H O   1 
HETATM 432 C CB  . DTY B 2 7  ? 0.854   19.815  -2.913  1.00 19.76 ? 7  DTY H CB  1 
HETATM 433 C CG  . DTY B 2 7  ? 1.904   19.844  -3.974  1.00 21.30 ? 7  DTY H CG  1 
HETATM 434 C CD1 . DTY B 2 7  ? 2.410   21.089  -4.335  1.00 27.05 ? 7  DTY H CD1 1 
HETATM 435 C CD2 . DTY B 2 7  ? 2.345   18.675  -4.593  1.00 21.91 ? 7  DTY H CD2 1 
HETATM 436 C CE1 . DTY B 2 7  ? 3.369   21.206  -5.336  1.00 28.91 ? 7  DTY H CE1 1 
HETATM 437 C CE2 . DTY B 2 7  ? 3.314   18.785  -5.584  1.00 24.76 ? 7  DTY H CE2 1 
HETATM 438 C CZ  . DTY B 2 7  ? 3.828   20.034  -5.953  1.00 28.27 ? 7  DTY H CZ  1 
HETATM 439 O OH  . DTY B 2 7  ? 4.788   20.147  -6.926  1.00 32.67 ? 7  DTY H OH  1 
HETATM 440 N N   . DPR B 2 8  ? -2.211  21.198  -2.216  1.00 19.95 ? 8  DPR H N   1 
HETATM 441 C CA  . DPR B 2 8  ? -3.100  21.299  -1.072  1.00 20.54 ? 8  DPR H CA  1 
HETATM 442 C CB  . DPR B 2 8  ? -3.630  22.751  -1.164  1.00 21.00 ? 8  DPR H CB  1 
HETATM 443 C CG  . DPR B 2 8  ? -3.576  23.036  -2.590  1.00 21.70 ? 8  DPR H CG  1 
HETATM 444 C CD  . DPR B 2 8  ? -2.342  22.354  -3.133  1.00 21.43 ? 8  DPR H CD  1 
HETATM 445 C C   . DPR B 2 8  ? -2.428  21.014  0.301   1.00 19.21 ? 8  DPR H C   1 
HETATM 446 O O   . DPR B 2 8  ? -3.044  20.424  1.166   1.00 20.39 ? 8  DPR H O   1 
HETATM 447 N N   . DGL B 2 9  ? -1.150  21.388  0.451   1.00 19.55 ? 9  DGL H N   1 
HETATM 448 C CA  . DGL B 2 9  ? -0.479  21.212  1.729   1.00 19.11 ? 9  DGL H CA  1 
HETATM 449 C C   . DGL B 2 9  ? -0.051  19.780  1.986   1.00 18.97 ? 9  DGL H C   1 
HETATM 450 O O   . DGL B 2 9  ? 0.376   19.448  3.077   1.00 18.78 ? 9  DGL H O   1 
HETATM 451 C CB  . DGL B 2 9  ? 0.715   22.159  1.826   1.00 20.04 ? 9  DGL H CB  1 
HETATM 452 C CG  . DGL B 2 9  ? 1.865   21.766  0.940   1.00 20.03 ? 9  DGL H CG  1 
HETATM 453 C CD  . DGL B 2 9  ? 1.807   22.463  -0.366  1.00 24.98 ? 9  DGL H CD  1 
HETATM 454 O OE1 . DGL B 2 9  ? 2.907   22.772  -0.814  1.00 26.61 ? 9  DGL H OE1 1 
HETATM 455 O OE2 . DGL B 2 9  ? 0.720   22.697  -0.935  1.00 25.21 ? 9  DGL H OE2 1 
HETATM 456 N N   . DTR B 2 10 ? -0.217  18.923  0.985   1.00 18.57 ? 10 DTR H N   1 
HETATM 457 C CA  . DTR B 2 10 ? -0.003  17.495  1.179   1.00 17.54 ? 10 DTR H CA  1 
HETATM 458 C CB  . DTR B 2 10 ? 1.042   16.949  0.201   1.00 17.30 ? 10 DTR H CB  1 
HETATM 459 C CG  . DTR B 2 10 ? 2.454   17.446  0.435   1.00 17.56 ? 10 DTR H CG  1 
HETATM 460 C CD1 . DTR B 2 10 ? 3.110   18.446  -0.234  1.00 19.33 ? 10 DTR H CD1 1 
HETATM 461 N NE1 . DTR B 2 10 ? 4.407   18.573  0.245   1.00 18.75 ? 10 DTR H NE1 1 
HETATM 462 C CE2 . DTR B 2 10 ? 4.586   17.643  1.244   1.00 15.78 ? 10 DTR H CE2 1 
HETATM 463 C CZ2 . DTR B 2 10 ? 5.722   17.372  2.036   1.00 16.38 ? 10 DTR H CZ2 1 
HETATM 464 C CH2 . DTR B 2 10 ? 5.611   16.369  2.959   1.00 16.61 ? 10 DTR H CH2 1 
HETATM 465 C CZ3 . DTR B 2 10 ? 4.417   15.649  3.142   1.00 16.98 ? 10 DTR H CZ3 1 
HETATM 466 C CE3 . DTR B 2 10 ? 3.305   15.898  2.346   1.00 16.11 ? 10 DTR H CE3 1 
HETATM 467 C CD2 . DTR B 2 10 ? 3.379   16.923  1.389   1.00 16.57 ? 10 DTR H CD2 1 
HETATM 468 C C   . DTR B 2 10 ? -1.272  16.641  1.080   1.00 19.45 ? 10 DTR H C   1 
HETATM 469 O O   . DTR B 2 10 ? -1.204  15.428  1.033   1.00 18.97 ? 10 DTR H O   1 
HETATM 470 N N   . DGN B 2 11 ? -2.440  17.279  1.068   1.00 19.22 ? 11 DGN H N   1 
HETATM 471 C CA  . DGN B 2 11 ? -3.674  16.495  0.906   1.00 21.13 ? 11 DGN H CA  1 
HETATM 472 C C   . DGN B 2 11 ? -3.856  15.526  2.050   1.00 20.97 ? 11 DGN H C   1 
HETATM 473 O O   . DGN B 2 11 ? -4.381  14.453  1.833   1.00 21.21 ? 11 DGN H O   1 
HETATM 474 C CB  . DGN B 2 11 ? -4.844  17.464  0.892   1.00 22.69 ? 11 DGN H CB  1 
HETATM 475 C CG  . DGN B 2 11 ? -6.163  16.797  0.537   1.00 26.83 ? 11 DGN H CG  1 
HETATM 476 C CD  . DGN B 2 11 ? -6.605  17.646  -0.597  1.00 35.20 ? 11 DGN H CD  1 
HETATM 477 O OE1 . DGN B 2 11 ? -7.103  18.746  -0.385  1.00 38.50 ? 11 DGN H OE1 1 
HETATM 478 N NE2 . DGN B 2 11 ? -6.329  17.109  -1.783  1.00 39.10 ? 11 DGN H NE2 1 
HETATM 479 N N   . DTR B 2 12 ? -3.384  15.849  3.253   1.00 19.95 ? 12 DTR H N   1 
HETATM 480 C CA  . DTR B 2 12 ? -3.530  14.935  4.392   1.00 20.19 ? 12 DTR H CA  1 
HETATM 481 C CB  . DTR B 2 12 ? -2.980  15.570  5.678   1.00 20.45 ? 12 DTR H CB  1 
HETATM 482 C CG  . DTR B 2 12 ? -1.492  15.856  5.582   1.00 18.34 ? 12 DTR H CG  1 
HETATM 483 C CD1 . DTR B 2 12 ? -0.889  16.993  5.122   1.00 17.93 ? 12 DTR H CD1 1 
HETATM 484 N NE1 . DTR B 2 12 ? 0.504   16.835  5.148   1.00 17.81 ? 12 DTR H NE1 1 
HETATM 485 C CE2 . DTR B 2 12 ? 0.789   15.590  5.637   1.00 17.84 ? 12 DTR H CE2 1 
HETATM 486 C CZ2 . DTR B 2 12 ? 2.029   14.982  5.865   1.00 19.79 ? 12 DTR H CZ2 1 
HETATM 487 C CH2 . DTR B 2 12 ? 2.016   13.702  6.345   1.00 18.84 ? 12 DTR H CH2 1 
HETATM 488 C CZ3 . DTR B 2 12 ? 0.819   13.031  6.638   1.00 19.83 ? 12 DTR H CZ3 1 
HETATM 489 C CE3 . DTR B 2 12 ? -0.411  13.630  6.427   1.00 21.12 ? 12 DTR H CE3 1 
HETATM 490 C CD2 . DTR B 2 12 ? -0.436  14.940  5.927   1.00 18.38 ? 12 DTR H CD2 1 
HETATM 491 C C   . DTR B 2 12 ? -2.826  13.602  4.104   1.00 21.27 ? 12 DTR H C   1 
HETATM 492 O O   . DTR B 2 12 ? -3.257  12.553  4.557   1.00 23.12 ? 12 DTR H O   1 
HETATM 493 N N   . DLE B 2 13 ? -1.774  13.662  3.309   1.00 19.83 ? 13 DLE H N   1 
HETATM 494 C CA  . DLE B 2 13 ? -1.008  12.454  2.996   1.00 19.96 ? 13 DLE H CA  1 
HETATM 495 C CB  . DLE B 2 13 ? 0.463   12.835  2.717   1.00 19.88 ? 13 DLE H CB  1 
HETATM 496 C CG  . DLE B 2 13 ? 1.409   11.700  2.287   1.00 19.09 ? 13 DLE H CG  1 
HETATM 497 C CD1 . DLE B 2 13 ? 1.504   10.647  3.383   1.00 20.87 ? 13 DLE H CD1 1 
HETATM 498 C CD2 . DLE B 2 13 ? 2.779   12.278  1.897   1.00 21.26 ? 13 DLE H CD2 1 
HETATM 499 C C   . DLE B 2 13 ? -1.670  11.737  1.815   1.00 21.23 ? 13 DLE H C   1 
HETATM 500 O O   . DLE B 2 13 ? -1.791  10.516  1.896   1.00 21.28 ? 13 DLE H O   1 
HETATM 501 N N   . DCY B 2 14 ? -2.073  12.496  0.797   1.00 21.63 ? 14 DCY H N   1 
HETATM 502 C CA  . DCY B 2 14 ? -2.843  11.956  -0.363  1.00 23.62 ? 14 DCY H CA  1 
HETATM 503 C C   . DCY B 2 14 ? -4.017  11.154  0.156   1.00 23.18 ? 14 DCY H C   1 
HETATM 504 O O   . DCY B 2 14 ? -4.288  10.078  -0.382  1.00 23.98 ? 14 DCY H O   1 
HETATM 505 C CB  . DCY B 2 14 ? -3.314  13.172  -1.157  1.00 23.82 ? 14 DCY H CB  1 
HETATM 506 S SG  . DCY B 2 14 ? -4.354  12.732  -2.593  1.00 28.16 ? 14 DCY H SG  1 
HETATM 507 N N   . DGL B 2 15 ? -4.710  11.659  1.178   1.00 22.69 ? 15 DGL H N   1 
HETATM 508 C CA  . DGL B 2 15 ? -5.916  11.026  1.723   1.00 24.83 ? 15 DGL H CA  1 
HETATM 509 C C   . DGL B 2 15 ? -5.618  9.687   2.331   1.00 25.16 ? 15 DGL H C   1 
HETATM 510 O O   . DGL B 2 15 ? -6.524  8.879   2.509   1.00 26.18 ? 15 DGL H O   1 
HETATM 511 C CB  . DGL B 2 15 ? -6.525  11.849  2.861   1.00 25.98 ? 15 DGL H CB  1 
HETATM 512 C CG  . DGL B 2 15 ? -7.310  13.041  2.354   1.00 29.86 ? 15 DGL H CG  1 
HETATM 513 C CD  . DGL B 2 15 ? -7.620  14.012  3.477   1.00 34.07 ? 15 DGL H CD  1 
HETATM 514 O OE1 . DGL B 2 15 ? -7.296  13.736  4.651   1.00 38.64 ? 15 DGL H OE1 1 
HETATM 515 O OE2 . DGL B 2 15 ? -8.181  15.086  3.171   1.00 39.15 ? 15 DGL H OE2 1 
HETATM 516 N N   . DLE B 2 16 ? -4.377  9.306   2.645   1.00 25.69 ? 16 DLE H N   1 
HETATM 517 C CA  . DLE B 2 16 ? -4.022  8.000   3.230   1.00 28.46 ? 16 DLE H CA  1 
HETATM 518 C CB  . DLE B 2 16 ? -2.882  8.170   4.227   1.00 27.97 ? 16 DLE H CB  1 
HETATM 519 C CG  . DLE B 2 16 ? -3.078  9.213   5.315   1.00 28.70 ? 16 DLE H CG  1 
HETATM 520 C CD1 . DLE B 2 16 ? -1.781  9.385   6.054   1.00 29.46 ? 16 DLE H CD1 1 
HETATM 521 C CD2 . DLE B 2 16 ? -4.191  8.899   6.295   1.00 28.64 ? 16 DLE H CD2 1 
HETATM 522 C C   . DLE B 2 16 ? -3.598  7.062   2.112   1.00 30.90 ? 16 DLE H C   1 
HETATM 523 O O   . DLE B 2 16 ? -3.490  5.852   2.374   1.00 33.91 ? 16 DLE H O   1 
HETATM 524 N N   . NH2 B 2 17 ? -3.777  7.437   0.837   1.00 31.63 ? 17 NH2 H N   1 
HETATM 525 S S   . CXS C 3 .  ? -7.811  13.737  -3.105  1.00 42.59 ? 18 CXS H S   1 
HETATM 526 O O1  . CXS C 3 .  ? -7.179  14.234  -1.861  1.00 44.62 ? 18 CXS H O1  1 
HETATM 527 O O2  . CXS C 3 .  ? -9.247  14.091  -3.081  1.00 42.79 ? 18 CXS H O2  1 
HETATM 528 O O3  . CXS C 3 .  ? -7.646  12.268  -3.191  1.00 41.44 ? 18 CXS H O3  1 
HETATM 529 C C1  . CXS C 3 .  ? -7.135  14.226  -4.535  1.00 43.98 ? 18 CXS H C1  1 
HETATM 530 C C2  . CXS C 3 .  ? -6.218  15.405  -4.337  1.00 46.35 ? 18 CXS H C2  1 
HETATM 531 C C3  . CXS C 3 .  ? -6.732  16.566  -5.167  1.00 46.89 ? 18 CXS H C3  1 
HETATM 532 N N   . CXS C 3 .  ? -6.052  17.800  -4.844  1.00 47.55 ? 18 CXS H N   1 
HETATM 533 C C4  . CXS C 3 .  ? -5.864  18.809  -5.871  1.00 47.50 ? 18 CXS H C4  1 
HETATM 534 C C5  . CXS C 3 .  ? -4.596  19.602  -5.543  1.00 48.04 ? 18 CXS H C5  1 
HETATM 535 C C6  . CXS C 3 .  ? -4.560  20.983  -6.187  1.00 48.49 ? 18 CXS H C6  1 
HETATM 536 C C7  . CXS C 3 .  ? -5.771  21.838  -5.820  1.00 48.50 ? 18 CXS H C7  1 
HETATM 537 C C8  . CXS C 3 .  ? -6.929  21.027  -5.240  1.00 48.51 ? 18 CXS H C8  1 
HETATM 538 C C9  . CXS C 3 .  ? -7.109  19.694  -5.955  1.00 47.65 ? 18 CXS H C9  1 
HETATM 539 O O   . HOH D 4 .  ? 0.785   -16.576 2.328   0.33 48.86 ? 47 HOH A O   1 
HETATM 540 O O   . HOH D 4 .  ? -13.034 -22.673 0.723   1.00 59.55 ? 48 HOH A O   1 
HETATM 541 O O   . HOH D 4 .  ? -4.460  2.137   -1.631  1.00 46.83 ? 49 HOH A O   1 
HETATM 542 O O   . HOH D 4 .  ? 9.252   -1.933  -1.687  1.00 46.66 ? 50 HOH A O   1 
HETATM 543 O O   . HOH D 4 .  ? 12.808  17.520  -4.910  1.00 46.62 ? 51 HOH A O   1 
HETATM 544 O O   . HOH D 4 .  ? 8.042   5.835   5.712   0.33 22.57 ? 52 HOH A O   1 
HETATM 545 O O   . HOH D 4 .  ? 10.637  20.886  -1.500  1.00 31.21 ? 53 HOH A O   1 
HETATM 546 O O   . HOH D 4 .  ? 15.588  15.825  -1.592  1.00 22.84 ? 54 HOH A O   1 
HETATM 547 O O   . HOH D 4 .  ? 17.815  17.701  -1.500  1.00 27.55 ? 55 HOH A O   1 
HETATM 548 O O   . HOH D 4 .  ? -14.372 -35.460 -1.985  1.00 29.53 ? 56 HOH A O   1 
HETATM 549 O O   . HOH D 4 .  ? 16.146  14.922  -4.093  1.00 40.38 ? 57 HOH A O   1 
HETATM 550 O O   . HOH D 4 .  ? 17.123  22.036  -2.420  1.00 33.49 ? 58 HOH A O   1 
HETATM 551 O O   . HOH D 4 .  ? -6.386  -7.311  1.874   1.00 48.89 ? 59 HOH A O   1 
HETATM 552 O O   . HOH D 4 .  ? 1.331   -7.426  -4.024  1.00 44.94 ? 60 HOH A O   1 
HETATM 553 O O   . HOH D 4 .  ? 15.269  26.052  0.964   1.00 45.03 ? 61 HOH A O   1 
HETATM 554 O O   . HOH D 4 .  ? -13.654 -40.540 2.589   1.00 30.14 ? 62 HOH A O   1 
HETATM 555 O O   . HOH D 4 .  ? 11.407  23.392  -1.598  1.00 47.30 ? 63 HOH A O   1 
HETATM 556 O O   . HOH D 4 .  ? 20.670  25.205  -1.252  1.00 42.89 ? 64 HOH A O   1 
HETATM 557 O O   . HOH D 4 .  ? 22.289  22.548  -1.076  1.00 37.12 ? 65 HOH A O   1 
HETATM 558 O O   . HOH D 4 .  ? 17.482  26.442  -0.455  1.00 35.77 ? 66 HOH A O   1 
HETATM 559 O O   . HOH D 4 .  ? -16.296 -32.793 2.084   1.00 37.76 ? 67 HOH A O   1 
HETATM 560 O O   . HOH D 4 .  ? 2.066   5.714   -4.172  1.00 32.29 ? 68 HOH A O   1 
HETATM 561 O O   . HOH D 4 .  ? -20.801 -29.518 -3.112  1.00 51.18 ? 69 HOH A O   1 
HETATM 562 O O   . HOH D 4 .  ? 7.983   8.030   -4.228  1.00 36.48 ? 70 HOH A O   1 
HETATM 563 O O   . HOH D 4 .  ? -2.283  2.660   0.319   1.00 37.95 ? 71 HOH A O   1 
HETATM 564 O O   . HOH D 4 .  ? 1.418   -1.041  -4.901  1.00 39.44 ? 72 HOH A O   1 
HETATM 565 O O   . HOH D 4 .  ? 8.259   20.042  -2.798  1.00 39.51 ? 73 HOH A O   1 
HETATM 566 O O   . HOH D 4 .  ? 9.857   9.979   -4.597  1.00 46.81 ? 74 HOH A O   1 
HETATM 567 O O   . HOH D 4 .  ? 3.336   0.952   -5.158  1.00 49.44 ? 75 HOH A O   1 
HETATM 568 O O   . HOH D 4 .  ? 18.092  19.762  -3.170  1.00 41.75 ? 76 HOH A O   1 
HETATM 569 O O   . HOH D 4 .  ? -4.193  -8.938  7.017   1.00 59.23 ? 77 HOH A O   1 
HETATM 570 O O   . HOH E 4 .  ? -6.716  21.003  -1.667  1.00 46.04 ? 19 HOH H O   1 
HETATM 571 O O   . HOH E 4 .  ? -5.735  21.067  1.093   1.00 31.44 ? 20 HOH H O   1 
HETATM 572 O O   . HOH E 4 .  ? -9.129  14.921  0.617   1.00 44.31 ? 21 HOH H O   1 
HETATM 573 O O   . HOH E 4 .  ? -3.315  18.915  3.682   1.00 23.63 ? 22 HOH H O   1 
HETATM 574 O O   . HOH E 4 .  ? -3.669  17.203  -2.348  1.00 29.46 ? 23 HOH H O   1 
HETATM 575 O O   . HOH E 4 .  ? -0.011  21.125  5.353   1.00 27.91 ? 24 HOH H O   1 
HETATM 576 O O   . HOH E 4 .  ? -5.090  12.540  6.595   1.00 34.05 ? 25 HOH H O   1 
HETATM 577 O O   . HOH E 4 .  ? -1.439  5.372   -0.267  1.00 39.41 ? 26 HOH H O   1 
HETATM 578 O O   . HOH E 4 .  ? 7.572   12.495  -8.505  1.00 44.77 ? 28 HOH H O   1 
HETATM 579 O O   . HOH E 4 .  ? 5.044   23.242  -8.014  1.00 56.39 ? 29 HOH H O   1 
HETATM 580 O O   . HOH E 4 .  ? -12.012 14.537  -0.396  1.00 39.82 ? 30 HOH H O   1 
HETATM 581 O O   . HOH E 4 .  ? -7.089  10.716  6.637   1.00 55.85 ? 31 HOH H O   1 
HETATM 582 O O   . HOH E 4 .  ? -0.510  22.986  -6.345  1.00 40.29 ? 32 HOH H O   1 
HETATM 583 O O   . HOH E 4 .  ? -0.205  6.893   -5.170  1.00 34.60 ? 34 HOH H O   1 
HETATM 584 O O   . HOH E 4 .  ? 3.461   18.809  -9.256  1.00 45.60 ? 35 HOH H O   1 
HETATM 585 O O   . HOH E 4 .  ? -3.041  24.682  -7.611  1.00 56.59 ? 42 HOH H O   1 
HETATM 586 O O   . HOH E 4 .  ? 10.002  14.984  -6.344  1.00 39.28 ? 44 HOH H O   1 
HETATM 587 O O   . HOH E 4 .  ? -9.355  9.336   2.868   1.00 40.24 ? 47 HOH H O   1 
# 
